data_1UD9
#
_entry.id   1UD9
#
_cell.length_a   79.400
_cell.length_b   75.440
_cell.length_c   88.140
_cell.angle_alpha   90.00
_cell.angle_beta   98.83
_cell.angle_gamma   90.00
#
_symmetry.space_group_name_H-M   'P 1 21 1'
#
loop_
_entity.id
_entity.type
_entity.pdbx_description
1 polymer 'DNA polymerase sliding clamp A'
2 non-polymer 'ZINC ION'
3 water water
#
_entity_poly.entity_id   1
_entity_poly.type   'polypeptide(L)'
_entity_poly.pdbx_seq_one_letter_code
;AHIVYDDVRDLKAIIQALLKLVDEALFDIKPEGIQLVAIDKAHISLIKIELPKEMFKEYDVPEEFKFGFNTQYMSKLLKA
AKRKEEIIIDADSPEVVKLTLSGALNRVFNVNNIEVLPPEVPEVNLEFDIKATINASGLKNAIGEIAEVADTLLISGNEE
KVVVKGEGENKVEVEFSKDTGSLADIEFNKESSSAYDVEYLNDIISLTKLSDYVKVAFADQKPMQLEFNMEGGGKVTYLL
APKLS
;
_entity_poly.pdbx_strand_id   A,B,C,D
#
loop_
_chem_comp.id
_chem_comp.type
_chem_comp.name
_chem_comp.formula
ZN non-polymer 'ZINC ION' 'Zn 2'
#
# COMPACT_ATOMS: atom_id res chain seq x y z
N ALA A 1 -24.12 -16.81 -39.22
CA ALA A 1 -23.62 -16.91 -37.79
C ALA A 1 -24.68 -16.49 -36.80
N HIS A 2 -24.82 -17.27 -35.72
CA HIS A 2 -25.81 -16.99 -34.67
C HIS A 2 -25.16 -17.42 -33.35
N ILE A 3 -24.99 -16.51 -32.40
CA ILE A 3 -24.26 -16.82 -31.16
C ILE A 3 -24.95 -16.23 -29.97
N VAL A 4 -25.05 -16.98 -28.89
CA VAL A 4 -25.64 -16.37 -27.73
C VAL A 4 -24.64 -16.58 -26.57
N TYR A 5 -24.28 -15.49 -25.88
CA TYR A 5 -23.36 -15.65 -24.75
C TYR A 5 -24.12 -15.26 -23.49
N ASP A 6 -23.93 -15.99 -22.40
CA ASP A 6 -24.73 -15.67 -21.20
C ASP A 6 -24.40 -14.44 -20.37
N ASP A 7 -23.24 -13.80 -20.60
CA ASP A 7 -22.88 -12.69 -19.76
C ASP A 7 -22.17 -11.56 -20.44
N VAL A 8 -22.93 -10.55 -20.88
CA VAL A 8 -22.31 -9.42 -21.60
C VAL A 8 -21.25 -8.73 -20.76
N ARG A 9 -21.30 -8.84 -19.42
CA ARG A 9 -20.25 -8.21 -18.60
C ARG A 9 -18.82 -8.69 -18.94
N ASP A 10 -18.67 -9.96 -19.32
CA ASP A 10 -17.32 -10.42 -19.70
C ASP A 10 -16.85 -9.72 -20.97
N LEU A 11 -17.75 -9.56 -21.95
CA LEU A 11 -17.31 -8.90 -23.19
C LEU A 11 -16.95 -7.46 -22.82
N LYS A 12 -17.75 -6.85 -21.95
CA LYS A 12 -17.47 -5.48 -21.51
C LYS A 12 -16.07 -5.32 -20.89
N ALA A 13 -15.68 -6.27 -20.04
CA ALA A 13 -14.40 -6.21 -19.36
C ALA A 13 -13.29 -6.39 -20.41
N ILE A 14 -13.52 -7.25 -21.39
CA ILE A 14 -12.51 -7.47 -22.45
C ILE A 14 -12.34 -6.19 -23.28
N ILE A 15 -13.44 -5.58 -23.70
CA ILE A 15 -13.37 -4.34 -24.50
C ILE A 15 -12.71 -3.16 -23.72
N GLN A 16 -13.01 -3.03 -22.44
CA GLN A 16 -12.37 -1.98 -21.60
C GLN A 16 -10.85 -2.13 -21.61
N ALA A 17 -10.35 -3.36 -21.58
CA ALA A 17 -8.89 -3.57 -21.65
C ALA A 17 -8.36 -3.35 -23.06
N LEU A 18 -9.08 -3.81 -24.06
CA LEU A 18 -8.59 -3.65 -25.44
C LEU A 18 -8.48 -2.21 -25.85
N LEU A 19 -9.39 -1.37 -25.40
CA LEU A 19 -9.37 0.00 -25.93
C LEU A 19 -8.13 0.78 -25.46
N LYS A 20 -7.51 0.26 -24.40
CA LYS A 20 -6.29 0.86 -23.87
C LYS A 20 -5.06 0.47 -24.69
N LEU A 21 -5.15 -0.61 -25.43
CA LEU A 21 -4.02 -1.04 -26.29
C LEU A 21 -4.16 -0.61 -27.71
N VAL A 22 -5.39 -0.72 -28.26
CA VAL A 22 -5.63 -0.41 -29.68
C VAL A 22 -6.96 0.34 -29.95
N ASP A 23 -6.98 1.09 -31.05
CA ASP A 23 -8.25 1.77 -31.38
C ASP A 23 -9.19 0.85 -32.14
N GLU A 24 -8.66 -0.18 -32.81
CA GLU A 24 -9.46 -1.13 -33.60
C GLU A 24 -8.93 -2.56 -33.39
N ALA A 25 -9.84 -3.51 -33.48
CA ALA A 25 -9.41 -4.85 -33.33
C ALA A 25 -10.31 -5.78 -34.17
N LEU A 26 -9.96 -7.07 -34.24
CA LEU A 26 -10.72 -7.98 -35.09
C LEU A 26 -11.10 -9.28 -34.36
N PHE A 27 -12.40 -9.59 -34.30
CA PHE A 27 -12.83 -10.87 -33.74
C PHE A 27 -12.86 -11.87 -34.95
N ASP A 28 -12.07 -12.94 -34.89
CA ASP A 28 -12.05 -13.92 -35.95
C ASP A 28 -13.07 -14.98 -35.52
N ILE A 29 -14.26 -14.95 -36.14
CA ILE A 29 -15.36 -15.85 -35.74
C ILE A 29 -15.38 -17.12 -36.58
N LYS A 30 -14.90 -18.22 -35.98
CA LYS A 30 -14.80 -19.47 -36.72
C LYS A 30 -15.79 -20.52 -36.25
N PRO A 31 -15.93 -21.59 -37.03
CA PRO A 31 -16.90 -22.59 -36.55
C PRO A 31 -16.60 -23.18 -35.17
N GLU A 32 -15.34 -23.26 -34.78
CA GLU A 32 -15.04 -23.83 -33.50
C GLU A 32 -14.96 -22.81 -32.36
N GLY A 33 -15.02 -21.52 -32.68
CA GLY A 33 -14.99 -20.53 -31.61
C GLY A 33 -14.41 -19.22 -32.11
N ILE A 34 -14.26 -18.26 -31.18
CA ILE A 34 -13.80 -16.94 -31.57
C ILE A 34 -12.40 -16.69 -31.08
N GLN A 35 -11.59 -16.05 -31.92
CA GLN A 35 -10.24 -15.68 -31.53
C GLN A 35 -9.97 -14.20 -31.85
N LEU A 36 -9.14 -13.58 -31.03
CA LEU A 36 -8.71 -12.19 -31.25
C LEU A 36 -7.31 -11.98 -30.71
N VAL A 37 -6.48 -11.22 -31.44
CA VAL A 37 -5.18 -10.87 -30.90
C VAL A 37 -5.01 -9.39 -31.18
N ALA A 38 -4.52 -8.63 -30.21
CA ALA A 38 -4.27 -7.20 -30.38
C ALA A 38 -2.98 -6.89 -29.73
N ILE A 39 -2.16 -6.14 -30.46
CA ILE A 39 -0.89 -5.73 -29.87
C ILE A 39 -0.78 -4.20 -29.93
N ASP A 40 -0.21 -3.57 -28.91
CA ASP A 40 -0.13 -2.11 -28.97
C ASP A 40 0.90 -1.64 -30.00
N LYS A 41 0.86 -0.34 -30.33
CA LYS A 41 1.75 0.20 -31.36
C LYS A 41 3.24 -0.11 -31.15
N ALA A 42 3.69 0.09 -29.92
CA ALA A 42 5.07 -0.12 -29.53
C ALA A 42 5.50 -1.63 -29.46
N HIS A 43 4.53 -2.54 -29.64
CA HIS A 43 4.75 -3.99 -29.55
C HIS A 43 5.39 -4.37 -28.17
N ILE A 44 4.88 -3.71 -27.16
CA ILE A 44 5.29 -3.89 -25.78
C ILE A 44 4.24 -4.73 -25.01
N SER A 45 2.94 -4.67 -25.38
CA SER A 45 1.93 -5.45 -24.66
C SER A 45 0.90 -5.96 -25.67
N LEU A 46 0.37 -7.12 -25.33
CA LEU A 46 -0.54 -7.80 -26.24
C LEU A 46 -1.61 -8.54 -25.46
N ILE A 47 -2.76 -8.65 -26.11
CA ILE A 47 -3.86 -9.40 -25.52
C ILE A 47 -4.31 -10.44 -26.54
N LYS A 48 -4.45 -11.71 -26.11
CA LYS A 48 -4.98 -12.76 -26.99
C LYS A 48 -6.24 -13.31 -26.31
N ILE A 49 -7.28 -13.55 -27.12
CA ILE A 49 -8.55 -14.07 -26.61
C ILE A 49 -8.90 -15.33 -27.38
N GLU A 50 -9.34 -16.38 -26.66
CA GLU A 50 -9.76 -17.64 -27.25
C GLU A 50 -11.07 -17.98 -26.51
N LEU A 51 -12.16 -17.99 -27.28
CA LEU A 51 -13.50 -18.26 -26.74
C LEU A 51 -14.09 -19.44 -27.56
N PRO A 52 -13.89 -20.68 -27.06
CA PRO A 52 -14.42 -21.85 -27.78
C PRO A 52 -15.92 -21.90 -27.80
N LYS A 53 -16.45 -22.68 -28.75
CA LYS A 53 -17.90 -22.73 -28.93
C LYS A 53 -18.55 -23.24 -27.70
N GLU A 54 -17.85 -24.13 -27.00
CA GLU A 54 -18.38 -24.72 -25.80
C GLU A 54 -18.72 -23.74 -24.72
N MET A 55 -18.26 -22.50 -24.80
CA MET A 55 -18.55 -21.59 -23.71
C MET A 55 -19.80 -20.75 -23.96
N PHE A 56 -20.42 -20.93 -25.11
CA PHE A 56 -21.60 -20.13 -25.45
C PHE A 56 -22.90 -20.92 -25.30
N LYS A 57 -23.98 -20.24 -24.95
CA LYS A 57 -25.30 -20.89 -24.82
C LYS A 57 -25.72 -21.45 -26.20
N GLU A 58 -25.47 -20.67 -27.25
CA GLU A 58 -25.72 -21.09 -28.63
C GLU A 58 -24.57 -20.63 -29.47
N TYR A 59 -24.12 -21.47 -30.41
CA TYR A 59 -23.00 -21.09 -31.25
C TYR A 59 -23.18 -21.85 -32.56
N ASP A 60 -23.71 -21.16 -33.57
CA ASP A 60 -23.94 -21.78 -34.87
C ASP A 60 -23.34 -20.89 -35.92
N VAL A 61 -22.14 -21.29 -36.33
CA VAL A 61 -21.33 -20.53 -37.26
C VAL A 61 -20.85 -21.50 -38.33
N PRO A 62 -21.64 -21.63 -39.39
CA PRO A 62 -21.25 -22.54 -40.45
C PRO A 62 -20.12 -22.00 -41.28
N GLU A 63 -19.95 -20.68 -41.34
CA GLU A 63 -18.88 -20.12 -42.14
C GLU A 63 -18.10 -19.07 -41.37
N GLU A 64 -16.80 -19.08 -41.46
CA GLU A 64 -16.06 -18.08 -40.71
C GLU A 64 -16.24 -16.66 -41.21
N PHE A 65 -16.04 -15.70 -40.31
CA PHE A 65 -16.09 -14.33 -40.76
C PHE A 65 -15.38 -13.46 -39.75
N LYS A 66 -14.83 -12.39 -40.28
CA LYS A 66 -14.04 -11.49 -39.52
C LYS A 66 -14.82 -10.23 -39.25
N PHE A 67 -14.91 -9.93 -37.96
CA PHE A 67 -15.68 -8.77 -37.48
C PHE A 67 -14.66 -7.74 -36.96
N GLY A 68 -14.42 -6.67 -37.76
CA GLY A 68 -13.47 -5.61 -37.41
C GLY A 68 -14.27 -4.54 -36.67
N PHE A 69 -13.71 -3.96 -35.63
CA PHE A 69 -14.47 -2.99 -34.88
C PHE A 69 -13.60 -1.95 -34.20
N ASN A 70 -14.22 -0.82 -33.86
CA ASN A 70 -13.51 0.25 -33.20
C ASN A 70 -13.80 -0.01 -31.71
N THR A 71 -12.74 -0.15 -30.93
CA THR A 71 -12.89 -0.44 -29.50
C THR A 71 -13.64 0.60 -28.68
N GLN A 72 -13.39 1.91 -28.94
CA GLN A 72 -14.14 2.89 -28.17
C GLN A 72 -15.59 2.91 -28.58
N TYR A 73 -15.86 2.66 -29.85
CA TYR A 73 -17.24 2.65 -30.32
C TYR A 73 -18.00 1.51 -29.56
N MET A 74 -17.37 0.33 -29.51
CA MET A 74 -18.01 -0.82 -28.89
C MET A 74 -18.14 -0.61 -27.37
N SER A 75 -17.14 0.06 -26.77
CA SER A 75 -17.22 0.30 -25.31
C SER A 75 -18.45 1.14 -25.01
N LYS A 76 -18.66 2.21 -25.78
CA LYS A 76 -19.85 3.06 -25.59
C LYS A 76 -21.16 2.31 -25.86
N LEU A 77 -21.20 1.41 -26.84
CA LEU A 77 -22.42 0.62 -27.10
C LEU A 77 -22.75 -0.21 -25.88
N LEU A 78 -21.72 -0.75 -25.28
CA LEU A 78 -21.93 -1.64 -24.16
C LEU A 78 -22.08 -0.93 -22.83
N LYS A 79 -21.82 0.35 -22.83
CA LYS A 79 -21.82 1.17 -21.64
C LYS A 79 -22.99 0.97 -20.71
N ALA A 80 -24.20 0.89 -21.25
CA ALA A 80 -25.37 0.73 -20.39
C ALA A 80 -25.72 -0.76 -20.25
N ALA A 81 -24.77 -1.58 -19.81
CA ALA A 81 -25.05 -3.00 -19.65
C ALA A 81 -24.46 -3.52 -18.36
N LYS A 82 -24.88 -2.93 -17.23
CA LYS A 82 -24.44 -3.24 -15.86
C LYS A 82 -24.71 -4.65 -15.26
N ARG A 83 -25.85 -5.25 -15.60
CA ARG A 83 -26.20 -6.58 -15.07
C ARG A 83 -25.85 -7.73 -16.00
N LYS A 84 -25.74 -8.93 -15.42
CA LYS A 84 -25.45 -10.12 -16.19
C LYS A 84 -26.67 -10.35 -17.04
N GLU A 85 -26.47 -10.24 -18.35
CA GLU A 85 -27.54 -10.43 -19.32
C GLU A 85 -26.95 -11.07 -20.58
N GLU A 86 -27.81 -11.74 -21.33
CA GLU A 86 -27.38 -12.39 -22.57
C GLU A 86 -27.12 -11.41 -23.70
N ILE A 87 -26.20 -11.80 -24.58
CA ILE A 87 -25.98 -10.97 -25.76
C ILE A 87 -26.11 -11.96 -26.89
N ILE A 88 -26.85 -11.58 -27.93
CA ILE A 88 -27.11 -12.39 -29.10
C ILE A 88 -26.41 -11.73 -30.31
N ILE A 89 -25.70 -12.50 -31.14
CA ILE A 89 -25.01 -11.93 -32.29
C ILE A 89 -25.54 -12.68 -33.50
N ASP A 90 -26.02 -11.99 -34.54
CA ASP A 90 -26.46 -12.71 -35.73
C ASP A 90 -25.92 -11.92 -36.90
N ALA A 91 -25.19 -12.60 -37.81
CA ALA A 91 -24.63 -11.90 -38.97
C ALA A 91 -24.90 -12.77 -40.20
N ASP A 92 -25.65 -12.26 -41.17
CA ASP A 92 -25.98 -13.02 -42.40
C ASP A 92 -25.13 -12.60 -43.62
N SER A 93 -24.40 -11.51 -43.48
CA SER A 93 -23.55 -11.00 -44.54
C SER A 93 -22.36 -10.36 -43.80
N PRO A 94 -21.22 -10.22 -44.48
CA PRO A 94 -19.98 -9.65 -43.94
C PRO A 94 -20.16 -8.26 -43.32
N GLU A 95 -20.86 -7.42 -44.08
CA GLU A 95 -21.12 -6.01 -43.81
C GLU A 95 -21.66 -5.53 -42.48
N VAL A 96 -22.52 -6.29 -41.82
CA VAL A 96 -23.09 -5.80 -40.59
C VAL A 96 -23.33 -6.94 -39.65
N VAL A 97 -23.23 -6.65 -38.36
CA VAL A 97 -23.45 -7.66 -37.32
C VAL A 97 -24.56 -7.14 -36.42
N LYS A 98 -25.59 -7.95 -36.18
CA LYS A 98 -26.64 -7.47 -35.31
C LYS A 98 -26.40 -8.00 -33.88
N LEU A 99 -26.30 -7.06 -32.97
CA LEU A 99 -26.10 -7.39 -31.58
C LEU A 99 -27.38 -7.05 -30.82
N THR A 100 -27.90 -8.03 -30.09
CA THR A 100 -29.10 -7.83 -29.29
C THR A 100 -28.71 -8.05 -27.83
N LEU A 101 -29.01 -7.08 -26.96
CA LEU A 101 -28.72 -7.20 -25.54
C LEU A 101 -30.06 -7.60 -24.94
N SER A 102 -30.08 -8.63 -24.09
CA SER A 102 -31.36 -9.05 -23.51
C SER A 102 -31.56 -8.50 -22.10
N GLY A 103 -32.65 -8.92 -21.44
CA GLY A 103 -32.97 -8.48 -20.09
C GLY A 103 -32.82 -6.97 -20.07
N ALA A 104 -32.65 -6.33 -18.89
CA ALA A 104 -32.47 -4.87 -18.82
C ALA A 104 -33.08 -4.30 -20.11
N LEU A 105 -34.25 -4.87 -20.39
CA LEU A 105 -35.08 -4.67 -21.57
C LEU A 105 -34.58 -4.10 -22.88
N ASN A 106 -34.48 -5.09 -23.75
CA ASN A 106 -34.09 -5.07 -25.13
C ASN A 106 -33.47 -3.90 -25.85
N ARG A 107 -32.22 -4.09 -26.25
CA ARG A 107 -31.49 -3.13 -27.04
C ARG A 107 -30.93 -3.92 -28.23
N VAL A 108 -31.09 -3.36 -29.42
CA VAL A 108 -30.63 -3.98 -30.66
C VAL A 108 -29.71 -3.02 -31.36
N PHE A 109 -28.50 -3.45 -31.72
CA PHE A 109 -27.60 -2.57 -32.43
C PHE A 109 -27.19 -3.26 -33.73
N ASN A 110 -27.24 -2.52 -34.84
CA ASN A 110 -26.79 -3.06 -36.13
C ASN A 110 -25.44 -2.43 -36.38
N VAL A 111 -24.39 -3.20 -36.14
CA VAL A 111 -23.04 -2.64 -36.23
C VAL A 111 -22.38 -2.88 -37.51
N ASN A 112 -22.01 -1.81 -38.21
CA ASN A 112 -21.32 -2.00 -39.46
C ASN A 112 -19.91 -2.45 -39.31
N ASN A 113 -19.59 -3.53 -40.01
CA ASN A 113 -18.24 -4.12 -40.03
C ASN A 113 -17.24 -3.18 -40.70
N ILE A 114 -16.02 -3.10 -40.17
CA ILE A 114 -14.99 -2.27 -40.77
C ILE A 114 -13.73 -3.13 -40.95
N GLU A 115 -12.94 -2.72 -41.93
CA GLU A 115 -11.70 -3.42 -42.28
C GLU A 115 -10.63 -3.23 -41.21
N VAL A 116 -10.14 -4.34 -40.71
CA VAL A 116 -9.08 -4.34 -39.70
C VAL A 116 -8.15 -5.53 -39.94
N LEU A 117 -6.89 -5.28 -40.26
CA LEU A 117 -5.99 -6.41 -40.46
C LEU A 117 -5.46 -6.82 -39.09
N PRO A 118 -5.41 -8.14 -38.83
CA PRO A 118 -4.94 -8.78 -37.59
C PRO A 118 -3.43 -8.61 -37.51
N PRO A 119 -2.89 -8.40 -36.28
CA PRO A 119 -1.45 -8.22 -36.06
C PRO A 119 -0.73 -9.38 -36.67
N GLU A 120 0.48 -9.13 -37.18
CA GLU A 120 1.30 -10.18 -37.75
C GLU A 120 1.82 -10.90 -36.53
N VAL A 121 0.97 -11.76 -35.98
CA VAL A 121 1.24 -12.55 -34.78
C VAL A 121 2.31 -13.63 -34.85
N PRO A 122 3.28 -13.59 -33.94
CA PRO A 122 4.38 -14.57 -33.85
C PRO A 122 3.97 -15.76 -32.98
N LEU A 126 8.09 -17.84 -23.73
CA LEU A 126 6.85 -18.40 -23.19
C LEU A 126 7.25 -19.38 -22.11
N GLU A 127 8.55 -19.54 -21.96
CA GLU A 127 9.03 -20.42 -20.92
C GLU A 127 9.01 -19.53 -19.68
N PHE A 128 8.78 -20.11 -18.52
CA PHE A 128 8.74 -19.30 -17.31
C PHE A 128 9.54 -19.94 -16.17
N ASP A 129 9.99 -19.11 -15.23
CA ASP A 129 10.76 -19.59 -14.03
C ASP A 129 9.69 -19.89 -12.97
N ILE A 130 8.57 -19.14 -13.00
CA ILE A 130 7.49 -19.29 -12.01
C ILE A 130 6.13 -19.05 -12.67
N LYS A 131 5.15 -19.87 -12.33
CA LYS A 131 3.79 -19.65 -12.81
C LYS A 131 2.90 -19.84 -11.55
N ALA A 132 2.32 -18.77 -11.05
CA ALA A 132 1.53 -18.81 -9.81
C ALA A 132 0.06 -18.48 -10.05
N THR A 133 -0.81 -19.29 -9.46
CA THR A 133 -2.25 -19.07 -9.63
C THR A 133 -2.67 -18.23 -8.41
N ILE A 134 -3.02 -16.96 -8.63
CA ILE A 134 -3.33 -16.09 -7.49
C ILE A 134 -4.68 -15.40 -7.55
N ASN A 135 -5.13 -14.96 -6.39
CA ASN A 135 -6.44 -14.31 -6.30
C ASN A 135 -6.47 -13.11 -7.25
N ALA A 136 -7.46 -13.07 -8.13
CA ALA A 136 -7.54 -12.01 -9.12
C ALA A 136 -7.79 -10.66 -8.51
N SER A 137 -8.64 -10.60 -7.47
CA SER A 137 -8.96 -9.33 -6.84
C SER A 137 -7.73 -8.84 -6.07
N GLY A 138 -6.97 -9.78 -5.50
CA GLY A 138 -5.76 -9.43 -4.78
C GLY A 138 -4.78 -8.80 -5.75
N LEU A 139 -4.61 -9.40 -6.92
CA LEU A 139 -3.69 -8.81 -7.91
C LEU A 139 -4.20 -7.45 -8.33
N LYS A 140 -5.51 -7.37 -8.58
CA LYS A 140 -6.06 -6.09 -8.95
C LYS A 140 -5.72 -4.99 -7.92
N ASN A 141 -5.89 -5.31 -6.65
CA ASN A 141 -5.64 -4.36 -5.57
C ASN A 141 -4.17 -3.95 -5.61
N ALA A 142 -3.31 -4.95 -5.80
CA ALA A 142 -1.87 -4.73 -5.77
C ALA A 142 -1.42 -3.83 -6.89
N ILE A 143 -1.92 -4.08 -8.10
CA ILE A 143 -1.56 -3.28 -9.27
C ILE A 143 -2.03 -1.80 -9.03
N GLY A 144 -3.24 -1.63 -8.52
CA GLY A 144 -3.75 -0.29 -8.31
C GLY A 144 -2.98 0.52 -7.28
N GLU A 145 -2.66 -0.13 -6.18
CA GLU A 145 -1.93 0.53 -5.12
C GLU A 145 -0.50 0.90 -5.50
N ILE A 146 0.14 0.00 -6.27
CA ILE A 146 1.52 0.23 -6.69
C ILE A 146 1.49 1.35 -7.73
N ALA A 147 0.49 1.34 -8.62
CA ALA A 147 0.43 2.35 -9.66
C ALA A 147 0.24 3.74 -9.04
N GLU A 148 -0.46 3.80 -7.92
CA GLU A 148 -0.64 5.10 -7.31
C GLU A 148 0.66 5.67 -6.76
N VAL A 149 1.64 4.84 -6.44
CA VAL A 149 2.88 5.36 -5.87
C VAL A 149 4.20 5.07 -6.61
N ALA A 150 4.17 4.27 -7.68
CA ALA A 150 5.41 3.94 -8.37
C ALA A 150 5.19 3.85 -9.86
N ASP A 151 6.25 3.84 -10.66
CA ASP A 151 6.03 3.68 -12.11
C ASP A 151 6.38 2.27 -12.57
N THR A 152 7.03 1.52 -11.69
CA THR A 152 7.46 0.15 -12.00
C THR A 152 7.00 -0.84 -10.92
N LEU A 153 6.52 -1.98 -11.39
CA LEU A 153 6.12 -3.03 -10.49
C LEU A 153 7.18 -4.10 -10.58
N LEU A 154 7.68 -4.51 -9.40
CA LEU A 154 8.71 -5.52 -9.30
C LEU A 154 7.99 -6.75 -8.82
N ILE A 155 8.35 -7.90 -9.34
CA ILE A 155 7.76 -9.13 -8.95
C ILE A 155 8.89 -10.12 -8.74
N SER A 156 8.76 -10.90 -7.68
CA SER A 156 9.77 -11.94 -7.39
C SER A 156 8.97 -13.14 -6.95
N GLY A 157 9.50 -14.34 -7.13
CA GLY A 157 8.78 -15.53 -6.70
C GLY A 157 9.77 -16.63 -6.29
N ASN A 158 9.36 -17.51 -5.38
CA ASN A 158 10.23 -18.64 -5.01
C ASN A 158 9.27 -19.76 -4.93
N GLU A 159 9.65 -20.89 -4.31
CA GLU A 159 8.76 -22.02 -4.33
C GLU A 159 7.43 -21.89 -3.58
N GLU A 160 7.34 -20.92 -2.70
CA GLU A 160 6.16 -20.73 -1.85
C GLU A 160 5.34 -19.49 -2.10
N LYS A 161 5.92 -18.49 -2.72
CA LYS A 161 5.17 -17.25 -2.86
C LYS A 161 5.61 -16.37 -4.02
N VAL A 162 4.74 -15.43 -4.37
CA VAL A 162 5.06 -14.41 -5.34
C VAL A 162 4.88 -13.09 -4.57
N VAL A 163 5.83 -12.18 -4.69
CA VAL A 163 5.71 -10.90 -3.99
C VAL A 163 5.75 -9.77 -5.03
N VAL A 164 4.87 -8.79 -4.90
CA VAL A 164 4.86 -7.69 -5.82
C VAL A 164 4.98 -6.40 -5.01
N LYS A 165 5.74 -5.45 -5.53
CA LYS A 165 5.91 -4.20 -4.85
C LYS A 165 6.33 -3.16 -5.87
N GLY A 166 6.31 -1.89 -5.49
CA GLY A 166 6.74 -0.90 -6.45
C GLY A 166 8.25 -0.68 -6.31
N GLU A 167 8.91 -0.26 -7.37
CA GLU A 167 10.35 -0.02 -7.28
C GLU A 167 10.54 1.32 -6.58
N GLY A 168 11.54 1.38 -5.68
CA GLY A 168 11.81 2.63 -4.96
C GLY A 168 11.82 2.50 -3.44
N GLU A 169 11.82 3.64 -2.73
CA GLU A 169 11.87 3.69 -1.25
C GLU A 169 10.98 2.70 -0.51
N ASN A 170 10.06 3.20 0.29
CA ASN A 170 9.11 2.35 1.03
C ASN A 170 8.38 1.48 0.00
N LYS A 171 7.70 0.44 0.46
CA LYS A 171 7.02 -0.47 -0.46
C LYS A 171 5.56 -0.85 -0.17
N VAL A 172 4.68 -0.63 -1.15
CA VAL A 172 3.28 -1.03 -1.03
C VAL A 172 3.24 -2.56 -1.20
N GLU A 173 4.35 -3.20 -0.92
CA GLU A 173 4.48 -4.67 -0.98
C GLU A 173 3.30 -5.63 -0.66
N VAL A 174 2.97 -6.54 -1.58
CA VAL A 174 1.90 -7.51 -1.38
C VAL A 174 2.37 -8.96 -1.65
N GLU A 175 2.14 -9.87 -0.69
CA GLU A 175 2.56 -11.27 -0.83
C GLU A 175 1.41 -12.21 -1.15
N PHE A 176 1.59 -13.04 -2.15
CA PHE A 176 0.61 -14.00 -2.56
C PHE A 176 1.17 -15.38 -2.24
N SER A 177 0.48 -16.08 -1.35
CA SER A 177 0.91 -17.40 -0.92
C SER A 177 -0.23 -18.09 -0.18
N LYS A 178 -0.04 -19.37 0.11
CA LYS A 178 -1.07 -20.14 0.81
C LYS A 178 -1.29 -19.50 2.20
N ASP A 179 -0.20 -19.03 2.79
CA ASP A 179 -0.28 -18.41 4.10
C ASP A 179 -0.89 -17.02 4.10
N THR A 180 -1.28 -16.57 2.93
CA THR A 180 -1.83 -15.23 2.80
C THR A 180 -3.21 -15.48 2.17
N GLY A 181 -3.51 -16.76 2.04
CA GLY A 181 -4.79 -17.23 1.50
C GLY A 181 -5.10 -16.73 0.10
N SER A 182 -4.05 -16.44 -0.66
CA SER A 182 -4.23 -15.89 -2.00
C SER A 182 -3.51 -16.58 -3.17
N LEU A 183 -2.92 -17.73 -2.89
CA LEU A 183 -2.22 -18.47 -3.90
C LEU A 183 -2.86 -19.86 -3.91
N ALA A 184 -3.34 -20.30 -5.06
CA ALA A 184 -3.98 -21.60 -5.15
C ALA A 184 -3.06 -22.71 -5.63
N ASP A 185 -1.99 -22.33 -6.31
CA ASP A 185 -1.10 -23.31 -6.89
C ASP A 185 0.10 -22.57 -7.42
N ILE A 186 1.24 -23.26 -7.55
CA ILE A 186 2.45 -22.62 -8.07
C ILE A 186 3.34 -23.67 -8.76
N GLU A 187 3.87 -23.33 -9.92
CA GLU A 187 4.76 -24.22 -10.67
C GLU A 187 6.09 -23.54 -10.53
N PHE A 188 7.02 -24.20 -9.85
CA PHE A 188 8.31 -23.59 -9.57
C PHE A 188 9.50 -24.24 -10.29
N ASN A 189 10.27 -23.44 -11.06
CA ASN A 189 11.47 -23.94 -11.73
C ASN A 189 12.70 -23.27 -11.11
N LYS A 190 12.61 -21.95 -10.89
CA LYS A 190 13.76 -21.27 -10.37
C LYS A 190 13.29 -19.96 -9.74
N GLU A 191 13.98 -19.53 -8.69
CA GLU A 191 13.61 -18.26 -8.05
C GLU A 191 13.87 -17.20 -9.12
N SER A 192 13.00 -16.21 -9.16
CA SER A 192 13.12 -15.23 -10.20
C SER A 192 12.61 -13.86 -9.76
N SER A 193 13.09 -12.82 -10.45
CA SER A 193 12.63 -11.45 -10.14
C SER A 193 12.64 -10.71 -11.47
N SER A 194 11.63 -9.88 -11.69
CA SER A 194 11.54 -9.11 -12.96
C SER A 194 10.89 -7.77 -12.68
N ALA A 195 10.78 -6.93 -13.71
CA ALA A 195 10.27 -5.57 -13.54
C ALA A 195 9.46 -5.20 -14.76
N TYR A 196 8.40 -4.44 -14.52
CA TYR A 196 7.45 -4.07 -15.57
C TYR A 196 6.86 -2.70 -15.34
N ASP A 197 6.44 -2.07 -16.42
CA ASP A 197 5.80 -0.76 -16.36
C ASP A 197 4.38 -0.99 -15.78
N VAL A 198 4.12 -0.44 -14.59
CA VAL A 198 2.83 -0.70 -13.94
C VAL A 198 1.67 0.04 -14.60
N GLU A 199 1.98 1.03 -15.44
CA GLU A 199 0.97 1.81 -16.13
C GLU A 199 0.24 0.90 -17.11
N TYR A 200 0.99 0.02 -17.76
CA TYR A 200 0.42 -0.95 -18.67
C TYR A 200 -0.45 -1.96 -17.94
N LEU A 201 0.00 -2.45 -16.79
CA LEU A 201 -0.81 -3.41 -16.05
C LEU A 201 -2.10 -2.77 -15.53
N ASN A 202 -2.01 -1.53 -15.05
CA ASN A 202 -3.18 -0.86 -14.54
C ASN A 202 -4.21 -0.66 -15.70
N ASP A 203 -3.73 -0.47 -16.92
CA ASP A 203 -4.60 -0.31 -18.09
C ASP A 203 -5.49 -1.52 -18.34
N ILE A 204 -5.01 -2.71 -18.01
CA ILE A 204 -5.77 -3.93 -18.28
C ILE A 204 -6.40 -4.56 -17.07
N ILE A 205 -6.43 -3.82 -15.98
CA ILE A 205 -6.99 -4.30 -14.73
C ILE A 205 -8.45 -4.84 -14.87
N SER A 206 -9.24 -4.39 -15.87
CA SER A 206 -10.59 -4.92 -16.01
C SER A 206 -10.62 -6.43 -16.31
N LEU A 207 -9.54 -6.98 -16.89
CA LEU A 207 -9.50 -8.41 -17.18
C LEU A 207 -9.63 -9.23 -15.87
N THR A 208 -9.39 -8.60 -14.72
CA THR A 208 -9.46 -9.37 -13.48
C THR A 208 -10.89 -9.77 -13.08
N LYS A 209 -11.86 -9.13 -13.71
CA LYS A 209 -13.27 -9.46 -13.43
C LYS A 209 -13.63 -10.79 -14.14
N LEU A 210 -12.77 -11.25 -15.04
CA LEU A 210 -13.07 -12.44 -15.79
C LEU A 210 -13.00 -13.75 -15.00
N SER A 211 -12.21 -13.76 -13.93
CA SER A 211 -12.06 -15.00 -13.17
C SER A 211 -11.64 -14.77 -11.75
N ASP A 212 -11.93 -15.75 -10.88
CA ASP A 212 -11.57 -15.60 -9.46
C ASP A 212 -10.03 -15.60 -9.30
N TYR A 213 -9.37 -16.43 -10.10
CA TYR A 213 -7.91 -16.53 -10.08
C TYR A 213 -7.25 -16.14 -11.41
N VAL A 214 -6.00 -15.69 -11.34
CA VAL A 214 -5.23 -15.35 -12.53
C VAL A 214 -3.90 -16.10 -12.45
N LYS A 215 -3.47 -16.73 -13.55
CA LYS A 215 -2.15 -17.40 -13.55
C LYS A 215 -1.13 -16.33 -13.99
N VAL A 216 -0.10 -16.10 -13.15
CA VAL A 216 0.89 -15.10 -13.42
C VAL A 216 2.18 -15.85 -13.71
N ALA A 217 2.75 -15.67 -14.90
CA ALA A 217 3.97 -16.40 -15.21
C ALA A 217 5.05 -15.42 -15.61
N PHE A 218 6.31 -15.67 -15.22
CA PHE A 218 7.38 -14.74 -15.63
C PHE A 218 8.70 -15.42 -15.41
N ALA A 219 9.76 -14.72 -15.80
CA ALA A 219 11.16 -15.20 -15.64
C ALA A 219 11.99 -13.97 -15.63
N ASP A 220 13.24 -14.05 -15.13
CA ASP A 220 14.09 -12.87 -15.09
C ASP A 220 14.18 -12.20 -16.45
N GLN A 221 13.84 -10.92 -16.52
CA GLN A 221 13.94 -10.11 -17.73
C GLN A 221 13.22 -10.72 -18.92
N LYS A 222 12.12 -11.41 -18.62
CA LYS A 222 11.29 -11.94 -19.72
C LYS A 222 9.92 -11.35 -19.48
N PRO A 223 9.05 -11.45 -20.49
CA PRO A 223 7.69 -10.92 -20.37
C PRO A 223 6.91 -11.54 -19.22
N MET A 224 5.98 -10.78 -18.71
CA MET A 224 5.05 -11.32 -17.74
C MET A 224 3.81 -11.77 -18.56
N GLN A 225 3.27 -12.92 -18.19
CA GLN A 225 2.08 -13.44 -18.85
C GLN A 225 0.98 -13.58 -17.82
N LEU A 226 -0.18 -12.97 -18.06
CA LEU A 226 -1.34 -13.15 -17.15
C LEU A 226 -2.33 -13.95 -17.94
N GLU A 227 -2.85 -15.04 -17.34
CA GLU A 227 -3.87 -15.84 -18.05
C GLU A 227 -5.13 -15.90 -17.20
N PHE A 228 -6.26 -15.53 -17.84
CA PHE A 228 -7.54 -15.49 -17.17
C PHE A 228 -8.32 -16.64 -17.79
N ASN A 229 -8.52 -17.70 -17.01
CA ASN A 229 -9.25 -18.84 -17.51
C ASN A 229 -10.72 -18.67 -17.14
N MET A 230 -11.58 -18.69 -18.16
CA MET A 230 -13.00 -18.48 -17.94
C MET A 230 -13.74 -19.84 -17.97
N GLU A 231 -14.96 -19.80 -17.48
CA GLU A 231 -15.83 -20.98 -17.45
C GLU A 231 -16.17 -21.39 -18.89
N GLY A 232 -16.15 -22.67 -19.19
CA GLY A 232 -16.45 -23.13 -20.55
C GLY A 232 -15.24 -23.36 -21.43
N GLY A 233 -14.07 -22.93 -20.93
CA GLY A 233 -12.85 -23.12 -21.68
C GLY A 233 -12.26 -21.82 -22.25
N GLY A 234 -12.93 -20.68 -22.00
CA GLY A 234 -12.44 -19.39 -22.51
C GLY A 234 -11.11 -19.03 -21.88
N LYS A 235 -10.28 -18.27 -22.59
CA LYS A 235 -9.03 -17.87 -21.97
C LYS A 235 -8.62 -16.54 -22.58
N VAL A 236 -8.27 -15.61 -21.70
CA VAL A 236 -7.74 -14.33 -22.16
C VAL A 236 -6.31 -14.28 -21.63
N THR A 237 -5.37 -13.97 -22.51
CA THR A 237 -3.95 -13.90 -22.13
C THR A 237 -3.39 -12.50 -22.39
N TYR A 238 -2.71 -11.96 -21.38
CA TYR A 238 -2.08 -10.63 -21.45
C TYR A 238 -0.57 -10.84 -21.30
N LEU A 239 0.22 -10.22 -22.19
CA LEU A 239 1.65 -10.37 -22.20
C LEU A 239 2.28 -8.99 -22.12
N LEU A 240 3.27 -8.81 -21.25
CA LEU A 240 3.89 -7.47 -21.10
C LEU A 240 5.43 -7.59 -21.10
N ALA A 241 6.09 -6.89 -22.04
CA ALA A 241 7.53 -6.93 -22.15
C ALA A 241 8.16 -6.37 -20.83
N PRO A 242 9.36 -6.85 -20.51
CA PRO A 242 10.05 -6.44 -19.27
C PRO A 242 10.96 -5.21 -19.38
N LYS A 243 11.20 -4.62 -18.22
CA LYS A 243 12.25 -3.61 -18.10
C LYS A 243 13.46 -4.43 -17.59
N LEU A 244 14.64 -3.81 -17.59
CA LEU A 244 15.79 -4.56 -17.05
C LEU A 244 15.76 -4.70 -15.55
N SER A 245 15.20 -3.68 -14.89
CA SER A 245 15.18 -3.69 -13.43
C SER A 245 14.35 -2.53 -12.91
N ALA B 1 -18.83 8.52 7.43
CA ALA B 1 -19.63 9.34 6.51
C ALA B 1 -19.64 10.77 6.98
N HIS B 2 -19.22 11.69 6.12
CA HIS B 2 -19.24 13.11 6.46
C HIS B 2 -19.66 13.76 5.14
N ILE B 3 -20.86 14.33 5.14
CA ILE B 3 -21.46 14.86 3.93
C ILE B 3 -22.01 16.26 4.16
N VAL B 4 -21.79 17.18 3.23
CA VAL B 4 -22.39 18.54 3.40
C VAL B 4 -23.15 18.82 2.12
N TYR B 5 -24.42 19.13 2.27
CA TYR B 5 -25.26 19.46 1.13
C TYR B 5 -25.68 20.92 1.27
N ASP B 6 -25.67 21.65 0.17
CA ASP B 6 -25.89 23.10 0.28
C ASP B 6 -27.28 23.64 0.52
N ASP B 7 -28.32 22.78 0.49
CA ASP B 7 -29.67 23.28 0.67
C ASP B 7 -30.58 22.31 1.35
N VAL B 8 -30.67 22.46 2.67
CA VAL B 8 -31.51 21.60 3.49
C VAL B 8 -33.02 21.55 3.03
N ARG B 9 -33.51 22.58 2.31
CA ARG B 9 -34.91 22.58 1.89
C ARG B 9 -35.19 21.39 0.97
N ASP B 10 -34.19 20.93 0.23
CA ASP B 10 -34.43 19.79 -0.71
C ASP B 10 -34.61 18.53 0.11
N LEU B 11 -33.83 18.37 1.17
CA LEU B 11 -34.02 17.16 1.98
C LEU B 11 -35.39 17.24 2.65
N LYS B 12 -35.75 18.40 3.19
CA LYS B 12 -37.05 18.59 3.84
C LYS B 12 -38.18 18.20 2.88
N ALA B 13 -38.08 18.65 1.64
CA ALA B 13 -39.13 18.38 0.66
C ALA B 13 -39.25 16.85 0.42
N ILE B 14 -38.12 16.17 0.33
CA ILE B 14 -38.04 14.75 0.07
C ILE B 14 -38.70 14.05 1.21
N ILE B 15 -38.35 14.44 2.44
CA ILE B 15 -38.96 13.78 3.60
C ILE B 15 -40.43 14.01 3.79
N GLN B 16 -40.92 15.20 3.49
CA GLN B 16 -42.31 15.52 3.64
C GLN B 16 -43.10 14.59 2.73
N ALA B 17 -42.52 14.26 1.57
CA ALA B 17 -43.26 13.34 0.71
C ALA B 17 -43.11 11.90 1.18
N LEU B 18 -41.92 11.49 1.55
CA LEU B 18 -41.71 10.14 2.05
C LEU B 18 -42.57 9.70 3.18
N LEU B 19 -42.84 10.59 4.11
CA LEU B 19 -43.60 10.19 5.29
C LEU B 19 -45.05 9.87 4.93
N LYS B 20 -45.49 10.31 3.74
CA LYS B 20 -46.86 10.01 3.28
C LYS B 20 -46.89 8.57 2.75
N LEU B 21 -45.75 7.98 2.40
CA LEU B 21 -45.72 6.60 1.93
C LEU B 21 -45.33 5.56 2.98
N VAL B 22 -44.31 5.91 3.76
CA VAL B 22 -43.81 4.98 4.74
C VAL B 22 -43.46 5.66 6.09
N ASP B 23 -43.51 4.86 7.16
CA ASP B 23 -43.14 5.37 8.50
C ASP B 23 -41.63 5.29 8.70
N GLU B 24 -40.95 4.38 8.01
CA GLU B 24 -39.49 4.26 8.13
C GLU B 24 -38.93 4.07 6.73
N ALA B 25 -37.73 4.59 6.49
CA ALA B 25 -37.10 4.45 5.19
C ALA B 25 -35.59 4.28 5.36
N LEU B 26 -34.94 3.95 4.24
CA LEU B 26 -33.51 3.65 4.27
C LEU B 26 -32.70 4.47 3.26
N PHE B 27 -31.73 5.27 3.75
CA PHE B 27 -30.81 6.02 2.88
C PHE B 27 -29.59 5.13 2.76
N ASP B 28 -29.33 4.64 1.54
CA ASP B 28 -28.18 3.77 1.31
C ASP B 28 -27.07 4.72 0.87
N ILE B 29 -26.15 5.03 1.81
CA ILE B 29 -25.08 5.99 1.55
C ILE B 29 -23.86 5.27 1.07
N LYS B 30 -23.61 5.37 -0.23
CA LYS B 30 -22.52 4.66 -0.90
C LYS B 30 -21.41 5.60 -1.33
N PRO B 31 -20.22 5.08 -1.64
CA PRO B 31 -19.15 5.99 -2.08
C PRO B 31 -19.50 6.84 -3.30
N GLU B 32 -20.34 6.33 -4.20
CA GLU B 32 -20.73 7.05 -5.41
C GLU B 32 -21.90 8.04 -5.25
N GLY B 33 -22.62 7.91 -4.13
CA GLY B 33 -23.80 8.76 -3.89
C GLY B 33 -24.80 8.06 -2.98
N ILE B 34 -25.92 8.76 -2.75
CA ILE B 34 -26.98 8.25 -1.90
C ILE B 34 -28.15 7.74 -2.72
N GLN B 35 -28.69 6.58 -2.35
CA GLN B 35 -29.89 6.02 -3.01
C GLN B 35 -30.96 5.68 -2.00
N LEU B 36 -32.24 5.78 -2.40
CA LEU B 36 -33.29 5.37 -1.49
C LEU B 36 -34.44 4.94 -2.34
N VAL B 37 -35.16 3.91 -1.88
CA VAL B 37 -36.40 3.53 -2.55
C VAL B 37 -37.39 3.22 -1.47
N ALA B 38 -38.62 3.67 -1.65
CA ALA B 38 -39.65 3.42 -0.66
C ALA B 38 -40.97 3.14 -1.40
N ILE B 39 -41.72 2.15 -0.94
CA ILE B 39 -43.01 1.87 -1.58
C ILE B 39 -44.07 1.81 -0.50
N ASP B 40 -45.25 2.31 -0.78
CA ASP B 40 -46.34 2.28 0.23
C ASP B 40 -46.87 0.85 0.47
N LYS B 41 -47.55 0.67 1.59
CA LYS B 41 -48.00 -0.67 1.99
C LYS B 41 -48.85 -1.35 0.93
N ALA B 42 -49.64 -0.56 0.26
CA ALA B 42 -50.53 -1.08 -0.77
C ALA B 42 -49.84 -1.33 -2.11
N HIS B 43 -48.56 -0.92 -2.27
CA HIS B 43 -47.79 -1.09 -3.51
C HIS B 43 -48.49 -0.38 -4.66
N ILE B 44 -48.99 0.83 -4.38
CA ILE B 44 -49.68 1.70 -5.33
C ILE B 44 -48.78 2.87 -5.71
N SER B 45 -47.86 3.21 -4.80
CA SER B 45 -46.98 4.35 -5.13
C SER B 45 -45.57 4.14 -4.60
N LEU B 46 -44.62 4.76 -5.32
CA LEU B 46 -43.25 4.50 -4.93
C LEU B 46 -42.39 5.71 -5.17
N ILE B 47 -41.39 5.87 -4.30
CA ILE B 47 -40.46 7.01 -4.48
C ILE B 47 -39.04 6.45 -4.61
N LYS B 48 -38.28 6.97 -5.59
CA LYS B 48 -36.88 6.55 -5.75
C LYS B 48 -36.02 7.81 -5.77
N ILE B 49 -34.89 7.76 -5.04
CA ILE B 49 -34.02 8.90 -4.98
C ILE B 49 -32.58 8.49 -5.35
N GLU B 50 -31.91 9.30 -6.17
CA GLU B 50 -30.52 9.03 -6.58
C GLU B 50 -29.84 10.38 -6.41
N LEU B 51 -28.91 10.48 -5.43
CA LEU B 51 -28.19 11.75 -5.19
C LEU B 51 -26.69 11.44 -5.35
N PRO B 52 -26.12 11.64 -6.56
CA PRO B 52 -24.70 11.36 -6.85
C PRO B 52 -23.78 12.25 -6.00
N LYS B 53 -22.58 11.75 -5.76
CA LYS B 53 -21.61 12.46 -4.91
C LYS B 53 -21.32 13.83 -5.45
N GLU B 54 -21.39 14.01 -6.75
CA GLU B 54 -21.11 15.32 -7.32
C GLU B 54 -22.03 16.47 -6.91
N MET B 55 -23.21 16.13 -6.38
CA MET B 55 -24.13 17.22 -6.01
C MET B 55 -23.85 17.77 -4.62
N PHE B 56 -22.87 17.18 -3.94
CA PHE B 56 -22.55 17.61 -2.58
C PHE B 56 -21.28 18.46 -2.45
N LYS B 57 -21.30 19.43 -1.55
CA LYS B 57 -20.14 20.32 -1.28
C LYS B 57 -18.99 19.48 -0.71
N GLU B 58 -19.36 18.53 0.15
CA GLU B 58 -18.43 17.58 0.72
C GLU B 58 -19.11 16.22 0.69
N TYR B 59 -18.37 15.18 0.26
CA TYR B 59 -18.89 13.83 0.26
C TYR B 59 -17.75 12.87 0.60
N ASP B 60 -17.56 12.58 1.89
CA ASP B 60 -16.44 11.72 2.31
C ASP B 60 -17.07 10.45 2.82
N VAL B 61 -17.19 9.44 1.92
CA VAL B 61 -17.83 8.20 2.33
C VAL B 61 -16.92 7.10 1.79
N PRO B 62 -16.03 6.58 2.63
CA PRO B 62 -15.07 5.53 2.22
C PRO B 62 -15.77 4.17 2.03
N GLU B 63 -16.82 3.95 2.83
CA GLU B 63 -17.56 2.69 2.78
C GLU B 63 -19.06 2.96 2.84
N GLU B 64 -19.84 2.00 2.38
CA GLU B 64 -21.28 2.20 2.43
C GLU B 64 -21.75 2.32 3.88
N PHE B 65 -22.81 3.14 4.09
CA PHE B 65 -23.40 3.33 5.42
C PHE B 65 -24.89 3.26 5.19
N LYS B 66 -25.58 2.34 5.86
CA LYS B 66 -27.05 2.22 5.73
C LYS B 66 -27.71 3.01 6.85
N PHE B 67 -28.40 4.08 6.50
CA PHE B 67 -29.05 4.92 7.48
C PHE B 67 -30.55 4.65 7.39
N GLY B 68 -31.06 3.89 8.35
CA GLY B 68 -32.46 3.66 8.46
C GLY B 68 -33.06 4.70 9.43
N PHE B 69 -34.23 5.24 9.09
CA PHE B 69 -34.83 6.25 9.96
C PHE B 69 -36.33 6.33 9.93
N ASN B 70 -36.85 7.00 10.97
CA ASN B 70 -38.29 7.26 11.13
C ASN B 70 -38.60 8.53 10.38
N THR B 71 -39.47 8.43 9.39
CA THR B 71 -39.74 9.59 8.54
C THR B 71 -40.42 10.78 9.22
N GLN B 72 -41.44 10.55 10.06
CA GLN B 72 -42.11 11.67 10.71
C GLN B 72 -41.19 12.35 11.75
N TYR B 73 -40.33 11.59 12.39
CA TYR B 73 -39.42 12.20 13.39
C TYR B 73 -38.41 13.09 12.64
N MET B 74 -37.84 12.57 11.57
CA MET B 74 -36.90 13.39 10.81
C MET B 74 -37.59 14.65 10.29
N SER B 75 -38.84 14.51 9.80
CA SER B 75 -39.52 15.65 9.26
C SER B 75 -39.72 16.68 10.37
N LYS B 76 -40.02 16.21 11.59
CA LYS B 76 -40.14 17.19 12.68
C LYS B 76 -38.85 17.88 13.08
N LEU B 77 -37.73 17.19 12.99
CA LEU B 77 -36.45 17.78 13.30
C LEU B 77 -36.17 18.90 12.30
N LEU B 78 -36.60 18.73 11.04
CA LEU B 78 -36.35 19.74 10.01
C LEU B 78 -37.45 20.79 9.85
N LYS B 79 -38.42 20.80 10.74
CA LYS B 79 -39.56 21.71 10.60
C LYS B 79 -39.23 23.20 10.47
N ALA B 80 -38.31 23.67 11.28
CA ALA B 80 -37.95 25.11 11.27
C ALA B 80 -37.03 25.50 10.17
N ALA B 81 -36.56 24.52 9.40
CA ALA B 81 -35.65 24.79 8.31
C ALA B 81 -36.40 25.34 7.12
N LYS B 82 -36.61 26.65 7.10
CA LYS B 82 -37.35 27.19 5.97
C LYS B 82 -36.55 27.96 4.92
N ARG B 83 -35.32 28.29 5.22
CA ARG B 83 -34.52 29.01 4.23
C ARG B 83 -33.36 28.15 3.80
N LYS B 84 -32.71 28.53 2.70
CA LYS B 84 -31.56 27.79 2.22
C LYS B 84 -30.46 27.87 3.31
N GLU B 85 -30.00 26.71 3.75
CA GLU B 85 -28.94 26.58 4.78
C GLU B 85 -28.24 25.24 4.41
N GLU B 86 -26.97 25.11 4.77
CA GLU B 86 -26.31 23.82 4.50
C GLU B 86 -26.73 22.80 5.55
N ILE B 87 -26.70 21.53 5.16
CA ILE B 87 -26.90 20.51 6.20
C ILE B 87 -25.69 19.59 6.16
N ILE B 88 -25.16 19.33 7.35
CA ILE B 88 -24.05 18.44 7.53
C ILE B 88 -24.60 17.10 8.06
N ILE B 89 -24.26 16.00 7.37
CA ILE B 89 -24.71 14.67 7.78
C ILE B 89 -23.39 13.97 8.15
N ASP B 90 -23.29 13.61 9.41
CA ASP B 90 -22.06 13.01 9.93
C ASP B 90 -22.33 11.77 10.75
N ALA B 91 -21.71 10.66 10.38
CA ALA B 91 -21.91 9.46 11.21
C ALA B 91 -20.51 8.86 11.49
N ASP B 92 -20.11 8.86 12.75
CA ASP B 92 -18.80 8.36 13.15
C ASP B 92 -18.97 6.94 13.66
N SER B 93 -20.20 6.53 13.91
CA SER B 93 -20.44 5.20 14.46
C SER B 93 -21.71 4.70 13.81
N PRO B 94 -21.90 3.40 13.77
CA PRO B 94 -23.10 2.86 13.14
C PRO B 94 -24.41 3.19 13.84
N GLU B 95 -24.37 3.59 15.11
CA GLU B 95 -25.61 3.77 15.83
C GLU B 95 -26.29 5.10 15.74
N VAL B 96 -25.54 6.08 15.28
CA VAL B 96 -26.07 7.47 15.33
C VAL B 96 -25.65 8.32 14.16
N VAL B 97 -26.62 9.01 13.55
CA VAL B 97 -26.28 9.93 12.46
C VAL B 97 -26.57 11.30 13.05
N LYS B 98 -25.60 12.23 12.90
CA LYS B 98 -25.78 13.60 13.42
C LYS B 98 -26.11 14.50 12.23
N LEU B 99 -27.14 15.34 12.41
CA LEU B 99 -27.48 16.31 11.39
C LEU B 99 -27.31 17.70 11.99
N THR B 100 -26.57 18.54 11.27
CA THR B 100 -26.35 19.91 11.75
C THR B 100 -26.60 20.89 10.62
N LEU B 101 -27.26 22.03 10.94
CA LEU B 101 -27.52 23.06 9.90
C LEU B 101 -26.54 24.20 10.10
N SER B 102 -26.19 24.80 8.98
CA SER B 102 -25.18 25.85 9.06
C SER B 102 -25.63 27.10 9.81
N GLY B 103 -26.95 27.30 9.97
CA GLY B 103 -27.44 28.48 10.69
C GLY B 103 -27.29 28.30 12.20
N ALA B 104 -26.93 27.09 12.65
CA ALA B 104 -26.76 26.85 14.12
C ALA B 104 -25.88 25.62 14.34
N LEU B 105 -24.58 25.82 14.22
CA LEU B 105 -23.63 24.71 14.33
C LEU B 105 -23.62 24.07 15.70
N ASN B 106 -24.22 24.72 16.67
CA ASN B 106 -24.30 24.17 18.01
C ASN B 106 -25.49 23.32 18.30
N ARG B 107 -26.47 23.32 17.39
CA ARG B 107 -27.67 22.53 17.56
C ARG B 107 -27.48 21.24 16.73
N VAL B 108 -27.04 20.14 17.38
CA VAL B 108 -26.83 18.91 16.61
C VAL B 108 -28.05 18.00 16.78
N PHE B 109 -28.60 17.53 15.67
CA PHE B 109 -29.74 16.62 15.74
C PHE B 109 -29.22 15.19 15.71
N ASN B 110 -29.66 14.39 16.69
CA ASN B 110 -29.25 12.97 16.74
C ASN B 110 -30.34 12.12 16.16
N VAL B 111 -29.94 11.23 15.29
CA VAL B 111 -30.92 10.36 14.79
C VAL B 111 -30.37 8.99 15.09
N ASN B 112 -31.07 8.22 15.93
CA ASN B 112 -30.52 6.91 16.24
C ASN B 112 -30.87 6.05 15.03
N ASN B 113 -29.85 5.40 14.46
CA ASN B 113 -29.90 4.61 13.23
C ASN B 113 -30.55 3.24 13.37
N ILE B 114 -31.74 3.07 12.81
CA ILE B 114 -32.48 1.78 12.97
C ILE B 114 -32.39 0.90 11.75
N GLU B 115 -32.59 -0.41 11.91
CA GLU B 115 -32.50 -1.31 10.76
C GLU B 115 -33.79 -1.22 9.97
N VAL B 116 -33.67 -0.96 8.68
CA VAL B 116 -34.83 -0.84 7.78
C VAL B 116 -34.48 -1.62 6.53
N LEU B 117 -35.26 -2.65 6.21
CA LEU B 117 -34.89 -3.37 4.99
C LEU B 117 -35.61 -2.71 3.84
N PRO B 118 -34.87 -2.38 2.80
CA PRO B 118 -35.53 -1.72 1.66
C PRO B 118 -36.48 -2.66 0.91
N PRO B 119 -37.40 -2.09 0.14
CA PRO B 119 -38.38 -2.85 -0.65
C PRO B 119 -37.66 -3.67 -1.70
N GLU B 127 -42.48 1.47 -22.40
CA GLU B 127 -42.32 2.35 -21.24
C GLU B 127 -43.39 3.47 -21.12
N PHE B 128 -43.31 4.51 -21.96
CA PHE B 128 -44.29 5.62 -21.92
C PHE B 128 -44.80 6.13 -23.27
N ASP B 129 -46.06 6.57 -23.29
CA ASP B 129 -46.66 7.15 -24.51
C ASP B 129 -46.34 8.66 -24.63
N ILE B 130 -46.23 9.38 -23.51
CA ILE B 130 -46.01 10.82 -23.49
C ILE B 130 -45.05 11.15 -22.36
N LYS B 131 -44.05 11.99 -22.60
CA LYS B 131 -43.21 12.45 -21.48
C LYS B 131 -43.15 13.97 -21.71
N ALA B 132 -43.82 14.73 -20.84
CA ALA B 132 -43.93 16.18 -20.95
C ALA B 132 -43.15 16.88 -19.87
N THR B 133 -42.55 18.00 -20.23
CA THR B 133 -41.77 18.86 -19.27
C THR B 133 -42.63 20.07 -19.01
N ILE B 134 -43.13 20.19 -17.78
CA ILE B 134 -44.03 21.28 -17.46
C ILE B 134 -43.51 21.98 -16.21
N ASN B 135 -43.97 23.21 -16.02
CA ASN B 135 -43.52 23.97 -14.86
C ASN B 135 -43.98 23.21 -13.62
N ALA B 136 -43.07 22.95 -12.70
CA ALA B 136 -43.42 22.18 -11.50
C ALA B 136 -44.43 22.86 -10.55
N SER B 137 -44.31 24.17 -10.34
CA SER B 137 -45.25 24.85 -9.48
C SER B 137 -46.56 24.91 -10.24
N GLY B 138 -46.50 24.92 -11.59
CA GLY B 138 -47.73 24.90 -12.36
C GLY B 138 -48.45 23.57 -12.13
N LEU B 139 -47.67 22.50 -12.07
CA LEU B 139 -48.21 21.17 -11.83
C LEU B 139 -48.75 21.14 -10.38
N LYS B 140 -47.99 21.65 -9.45
CA LYS B 140 -48.44 21.72 -8.06
C LYS B 140 -49.78 22.44 -7.94
N ASN B 141 -49.90 23.62 -8.55
CA ASN B 141 -51.18 24.33 -8.46
C ASN B 141 -52.31 23.55 -9.09
N ALA B 142 -52.05 22.84 -10.20
CA ALA B 142 -53.13 22.10 -10.78
C ALA B 142 -53.57 20.91 -9.94
N ILE B 143 -52.62 20.18 -9.35
CA ILE B 143 -52.98 19.03 -8.54
C ILE B 143 -53.81 19.50 -7.32
N GLY B 144 -53.33 20.55 -6.68
CA GLY B 144 -54.00 21.11 -5.50
C GLY B 144 -55.43 21.50 -5.78
N GLU B 145 -55.60 22.24 -6.86
CA GLU B 145 -56.90 22.73 -7.29
C GLU B 145 -57.81 21.63 -7.75
N ILE B 146 -57.25 20.59 -8.36
CA ILE B 146 -58.07 19.48 -8.77
C ILE B 146 -58.46 18.68 -7.53
N ALA B 147 -57.54 18.54 -6.57
CA ALA B 147 -57.84 17.79 -5.35
C ALA B 147 -58.92 18.48 -4.47
N GLU B 148 -59.00 19.80 -4.47
CA GLU B 148 -60.05 20.45 -3.63
C GLU B 148 -61.42 20.43 -4.31
N VAL B 149 -61.54 19.59 -5.33
CA VAL B 149 -62.77 19.50 -6.09
C VAL B 149 -63.11 18.12 -6.66
N ALA B 150 -62.14 17.20 -6.74
CA ALA B 150 -62.36 15.87 -7.29
C ALA B 150 -61.44 14.83 -6.62
N ASP B 151 -61.75 13.54 -6.71
CA ASP B 151 -60.90 12.52 -6.11
C ASP B 151 -59.95 12.01 -7.18
N THR B 152 -60.25 12.38 -8.42
CA THR B 152 -59.49 11.86 -9.56
C THR B 152 -58.96 12.86 -10.51
N LEU B 153 -57.76 12.55 -10.96
CA LEU B 153 -57.16 13.42 -11.86
C LEU B 153 -57.12 12.64 -13.17
N LEU B 154 -57.57 13.29 -14.22
CA LEU B 154 -57.55 12.68 -15.56
C LEU B 154 -56.45 13.46 -16.29
N ILE B 155 -55.62 12.74 -17.04
CA ILE B 155 -54.57 13.38 -17.74
C ILE B 155 -54.57 12.84 -19.19
N SER B 156 -54.37 13.74 -20.14
CA SER B 156 -54.35 13.32 -21.55
C SER B 156 -53.21 14.07 -22.20
N GLY B 157 -52.61 13.49 -23.23
CA GLY B 157 -51.50 14.14 -23.85
C GLY B 157 -51.41 13.77 -25.34
N ASN B 158 -51.06 14.73 -26.16
CA ASN B 158 -50.83 14.47 -27.59
C ASN B 158 -49.54 15.20 -27.93
N GLU B 159 -49.24 15.39 -29.22
CA GLU B 159 -47.95 15.96 -29.56
C GLU B 159 -47.78 17.46 -29.23
N GLU B 160 -48.85 18.16 -28.94
CA GLU B 160 -48.70 19.56 -28.61
C GLU B 160 -49.21 19.94 -27.21
N LYS B 161 -49.91 19.07 -26.48
CA LYS B 161 -50.38 19.52 -25.17
C LYS B 161 -50.70 18.37 -24.23
N VAL B 162 -50.80 18.70 -22.95
CA VAL B 162 -51.15 17.76 -21.87
C VAL B 162 -52.21 18.50 -21.09
N VAL B 163 -53.35 17.84 -20.84
CA VAL B 163 -54.45 18.44 -20.11
C VAL B 163 -54.72 17.59 -18.84
N VAL B 164 -54.77 18.24 -17.68
CA VAL B 164 -55.11 17.54 -16.46
C VAL B 164 -56.41 18.11 -15.93
N LYS B 165 -57.29 17.25 -15.46
CA LYS B 165 -58.57 17.68 -14.96
C LYS B 165 -59.15 16.73 -13.96
N GLY B 166 -60.06 17.29 -13.17
CA GLY B 166 -60.73 16.53 -12.20
C GLY B 166 -61.78 15.84 -12.97
N GLU B 167 -62.05 14.63 -12.57
CA GLU B 167 -63.07 13.91 -13.20
C GLU B 167 -64.40 14.34 -12.63
N GLY B 168 -65.36 14.57 -13.51
CA GLY B 168 -66.67 14.94 -13.04
C GLY B 168 -67.37 15.91 -13.95
N GLU B 169 -68.58 16.27 -13.53
CA GLU B 169 -69.44 17.19 -14.24
C GLU B 169 -68.60 18.45 -14.49
N ASN B 170 -68.01 18.50 -15.67
CA ASN B 170 -67.15 19.59 -16.13
C ASN B 170 -66.70 20.49 -14.99
N LYS B 171 -65.46 20.34 -14.58
CA LYS B 171 -64.97 21.16 -13.48
C LYS B 171 -63.46 20.97 -13.26
N VAL B 172 -62.75 22.10 -13.26
CA VAL B 172 -61.31 22.22 -13.07
C VAL B 172 -60.50 21.47 -14.13
N GLU B 173 -60.05 22.20 -15.12
CA GLU B 173 -59.29 21.64 -16.22
C GLU B 173 -58.11 22.53 -16.51
N VAL B 174 -56.89 22.01 -16.45
CA VAL B 174 -55.71 22.80 -16.72
C VAL B 174 -54.98 22.22 -17.91
N GLU B 175 -54.58 23.11 -18.81
CA GLU B 175 -53.90 22.68 -20.02
C GLU B 175 -52.46 23.22 -20.06
N PHE B 176 -51.51 22.37 -20.46
CA PHE B 176 -50.13 22.82 -20.61
C PHE B 176 -49.89 22.65 -22.08
N SER B 177 -49.89 23.77 -22.82
CA SER B 177 -49.75 23.65 -24.27
C SER B 177 -48.63 24.40 -24.91
N LYS B 178 -48.14 23.81 -25.98
CA LYS B 178 -47.08 24.43 -26.76
C LYS B 178 -47.49 25.85 -27.19
N ASP B 179 -48.69 25.95 -27.75
CA ASP B 179 -49.21 27.22 -28.28
C ASP B 179 -49.15 28.38 -27.34
N THR B 180 -49.62 28.16 -26.11
CA THR B 180 -49.66 29.22 -25.13
C THR B 180 -48.34 29.45 -24.42
N GLY B 181 -47.41 28.50 -24.55
CA GLY B 181 -46.11 28.63 -23.91
C GLY B 181 -46.08 27.93 -22.57
N SER B 182 -47.17 27.24 -22.22
CA SER B 182 -47.22 26.54 -20.94
C SER B 182 -46.69 25.09 -20.91
N LEU B 183 -46.20 24.59 -22.04
CA LEU B 183 -45.60 23.25 -22.13
C LEU B 183 -44.16 23.49 -22.55
N ALA B 184 -43.15 23.12 -21.75
CA ALA B 184 -41.79 23.42 -22.18
C ALA B 184 -41.16 22.46 -23.19
N ASP B 185 -41.60 21.21 -23.18
CA ASP B 185 -41.02 20.24 -24.09
C ASP B 185 -41.89 19.00 -24.04
N ILE B 186 -41.92 18.20 -25.09
CA ILE B 186 -42.71 16.96 -25.04
C ILE B 186 -42.12 15.85 -25.90
N GLU B 187 -42.00 14.65 -25.35
CA GLU B 187 -41.57 13.52 -26.17
C GLU B 187 -42.87 12.77 -26.48
N PHE B 188 -43.26 12.81 -27.76
CA PHE B 188 -44.51 12.17 -28.14
C PHE B 188 -44.36 10.82 -28.84
N ASN B 189 -44.97 9.80 -28.26
CA ASN B 189 -44.95 8.48 -28.90
C ASN B 189 -46.35 8.10 -29.33
N LYS B 190 -47.32 8.24 -28.44
CA LYS B 190 -48.72 7.91 -28.79
C LYS B 190 -49.64 8.81 -27.98
N GLU B 191 -50.76 9.22 -28.54
CA GLU B 191 -51.75 10.03 -27.81
C GLU B 191 -52.27 9.08 -26.70
N SER B 192 -52.39 9.61 -25.49
CA SER B 192 -52.74 8.78 -24.34
C SER B 192 -53.62 9.52 -23.34
N SER B 193 -54.43 8.75 -22.63
CA SER B 193 -55.19 9.39 -21.57
C SER B 193 -55.22 8.35 -20.41
N SER B 194 -55.07 8.82 -19.18
CA SER B 194 -55.06 7.89 -18.06
C SER B 194 -55.71 8.53 -16.83
N ALA B 195 -55.72 7.85 -15.68
CA ALA B 195 -56.45 8.44 -14.55
C ALA B 195 -55.74 7.96 -13.32
N TYR B 196 -55.68 8.84 -12.35
CA TYR B 196 -54.96 8.56 -11.10
C TYR B 196 -55.70 9.17 -9.87
N ASP B 197 -55.43 8.65 -8.66
CA ASP B 197 -56.05 9.16 -7.43
C ASP B 197 -55.28 10.42 -7.08
N VAL B 198 -55.94 11.56 -7.11
CA VAL B 198 -55.30 12.82 -6.93
C VAL B 198 -54.85 13.03 -5.48
N GLU B 199 -55.44 12.28 -4.56
CA GLU B 199 -55.05 12.37 -3.13
C GLU B 199 -53.58 11.95 -3.02
N TYR B 200 -53.20 10.90 -3.74
CA TYR B 200 -51.81 10.46 -3.65
C TYR B 200 -50.87 11.50 -4.22
N LEU B 201 -51.27 12.07 -5.37
CA LEU B 201 -50.38 13.08 -6.01
C LEU B 201 -50.24 14.30 -5.06
N ASN B 202 -51.34 14.70 -4.46
CA ASN B 202 -51.30 15.83 -3.55
C ASN B 202 -50.41 15.58 -2.35
N ASP B 203 -50.36 14.33 -1.90
CA ASP B 203 -49.53 13.92 -0.74
C ASP B 203 -48.06 14.14 -0.99
N ILE B 204 -47.59 14.01 -2.25
CA ILE B 204 -46.19 14.10 -2.55
C ILE B 204 -45.81 15.42 -3.24
N ILE B 205 -46.72 16.38 -3.23
CA ILE B 205 -46.47 17.62 -3.92
C ILE B 205 -45.27 18.46 -3.48
N SER B 206 -44.79 18.25 -2.25
CA SER B 206 -43.59 18.93 -1.81
C SER B 206 -42.41 18.59 -2.77
N LEU B 207 -42.47 17.46 -3.53
CA LEU B 207 -41.37 17.14 -4.43
C LEU B 207 -41.19 18.23 -5.54
N THR B 208 -42.27 18.96 -5.80
CA THR B 208 -42.20 19.99 -6.89
C THR B 208 -41.19 21.11 -6.51
N LYS B 209 -40.87 21.24 -5.22
CA LYS B 209 -39.84 22.22 -4.81
C LYS B 209 -38.45 21.84 -5.27
N LEU B 210 -38.23 20.59 -5.70
CA LEU B 210 -36.90 20.16 -6.11
C LEU B 210 -36.40 20.71 -7.44
N SER B 211 -37.29 21.15 -8.34
CA SER B 211 -36.77 21.62 -9.64
C SER B 211 -37.78 22.53 -10.28
N ASP B 212 -37.33 23.45 -11.14
CA ASP B 212 -38.28 24.35 -11.76
C ASP B 212 -39.26 23.62 -12.67
N TYR B 213 -38.78 22.57 -13.33
CA TYR B 213 -39.61 21.76 -14.25
C TYR B 213 -39.73 20.28 -13.77
N VAL B 214 -40.84 19.64 -14.13
CA VAL B 214 -41.02 18.22 -13.76
C VAL B 214 -41.31 17.52 -15.07
N LYS B 215 -40.75 16.34 -15.22
CA LYS B 215 -41.03 15.54 -16.43
C LYS B 215 -42.14 14.55 -16.01
N VAL B 216 -43.28 14.68 -16.66
CA VAL B 216 -44.45 13.85 -16.39
C VAL B 216 -44.57 12.80 -17.52
N ALA B 217 -44.38 11.53 -17.20
CA ALA B 217 -44.50 10.44 -18.21
C ALA B 217 -45.66 9.52 -17.83
N PHE B 218 -46.39 9.05 -18.85
CA PHE B 218 -47.49 8.14 -18.56
C PHE B 218 -47.82 7.45 -19.88
N ALA B 219 -48.78 6.53 -19.77
CA ALA B 219 -49.27 5.80 -20.94
C ALA B 219 -50.67 5.35 -20.61
N ASP B 220 -51.44 4.92 -21.61
CA ASP B 220 -52.81 4.48 -21.35
C ASP B 220 -52.87 3.36 -20.33
N GLN B 221 -53.60 3.62 -19.25
CA GLN B 221 -53.82 2.71 -18.13
C GLN B 221 -52.50 2.05 -17.64
N LYS B 222 -51.46 2.90 -17.58
CA LYS B 222 -50.16 2.47 -16.99
C LYS B 222 -49.80 3.52 -15.89
N PRO B 223 -48.79 3.20 -15.10
CA PRO B 223 -48.39 4.15 -14.06
C PRO B 223 -47.96 5.51 -14.60
N MET B 224 -48.14 6.54 -13.77
CA MET B 224 -47.64 7.89 -14.12
C MET B 224 -46.29 7.99 -13.38
N GLN B 225 -45.29 8.60 -14.04
CA GLN B 225 -43.95 8.74 -13.38
C GLN B 225 -43.64 10.19 -13.39
N LEU B 226 -43.26 10.72 -12.21
CA LEU B 226 -42.88 12.13 -12.17
C LEU B 226 -41.38 12.11 -11.90
N GLU B 227 -40.60 12.81 -12.68
CA GLU B 227 -39.17 12.84 -12.46
C GLU B 227 -38.74 14.27 -12.22
N PHE B 228 -37.98 14.47 -11.11
CA PHE B 228 -37.49 15.80 -10.72
C PHE B 228 -35.95 15.72 -10.82
N ASN B 229 -35.45 16.49 -11.76
CA ASN B 229 -34.02 16.47 -12.06
C ASN B 229 -33.38 17.66 -11.37
N MET B 230 -32.30 17.38 -10.62
CA MET B 230 -31.61 18.39 -9.84
C MET B 230 -30.18 18.58 -10.37
N GLU B 231 -29.55 19.70 -10.03
CA GLU B 231 -28.16 19.95 -10.45
C GLU B 231 -27.25 18.87 -9.88
N GLY B 232 -26.20 18.53 -10.59
CA GLY B 232 -25.26 17.51 -10.13
C GLY B 232 -25.72 16.12 -10.48
N GLY B 233 -26.83 16.08 -11.22
CA GLY B 233 -27.39 14.83 -11.66
C GLY B 233 -28.32 14.16 -10.66
N GLY B 234 -28.78 14.90 -9.66
CA GLY B 234 -29.71 14.31 -8.70
C GLY B 234 -31.01 13.98 -9.41
N LYS B 235 -31.73 12.99 -8.88
CA LYS B 235 -33.01 12.66 -9.51
C LYS B 235 -33.91 11.98 -8.50
N VAL B 236 -35.12 12.48 -8.42
CA VAL B 236 -36.15 11.87 -7.54
C VAL B 236 -37.27 11.50 -8.50
N THR B 237 -37.77 10.26 -8.36
CA THR B 237 -38.83 9.75 -9.22
C THR B 237 -39.99 9.33 -8.36
N TYR B 238 -41.19 9.66 -8.78
CA TYR B 238 -42.36 9.22 -8.07
C TYR B 238 -43.16 8.37 -9.08
N LEU B 239 -43.64 7.18 -8.68
CA LEU B 239 -44.43 6.31 -9.60
C LEU B 239 -45.80 6.03 -8.96
N LEU B 240 -46.88 6.20 -9.76
CA LEU B 240 -48.24 6.01 -9.22
C LEU B 240 -49.03 5.07 -10.12
N ALA B 241 -49.55 3.98 -9.53
CA ALA B 241 -50.42 3.06 -10.33
C ALA B 241 -51.67 3.78 -10.83
N PRO B 242 -52.19 3.32 -11.99
CA PRO B 242 -53.38 3.93 -12.59
C PRO B 242 -54.73 3.42 -12.10
N LYS B 243 -55.74 4.26 -12.26
CA LYS B 243 -57.11 3.84 -12.09
C LYS B 243 -57.59 3.54 -13.53
N LEU B 244 -58.79 2.99 -13.69
CA LEU B 244 -59.30 2.75 -15.06
C LEU B 244 -59.78 4.02 -15.71
N SER B 245 -60.35 4.92 -14.94
CA SER B 245 -60.78 6.16 -15.69
C SER B 245 -61.36 7.16 -14.72
N ALA C 1 -15.37 20.12 7.13
CA ALA C 1 -14.04 19.50 6.73
C ALA C 1 -13.92 18.18 7.48
N HIS C 2 -13.18 17.26 6.92
CA HIS C 2 -13.09 15.93 7.55
C HIS C 2 -11.67 15.35 7.28
N ILE C 3 -11.03 14.85 8.32
CA ILE C 3 -9.67 14.31 8.20
C ILE C 3 -9.64 13.04 9.01
N VAL C 4 -9.08 11.95 8.46
CA VAL C 4 -9.00 10.73 9.24
C VAL C 4 -7.56 10.25 9.10
N TYR C 5 -6.96 9.93 10.25
CA TYR C 5 -5.58 9.47 10.30
C TYR C 5 -5.59 8.11 10.95
N ASP C 6 -4.76 7.19 10.43
CA ASP C 6 -4.83 5.82 10.95
C ASP C 6 -4.19 5.49 12.29
N ASP C 7 -3.41 6.39 12.85
CA ASP C 7 -2.69 6.07 14.08
C ASP C 7 -2.56 7.23 15.02
N VAL C 8 -3.50 7.31 15.98
CA VAL C 8 -3.46 8.38 16.96
C VAL C 8 -2.14 8.46 17.72
N ARG C 9 -1.39 7.35 17.81
CA ARG C 9 -0.15 7.39 18.58
C ARG C 9 0.84 8.41 18.01
N ASP C 10 0.75 8.66 16.71
CA ASP C 10 1.69 9.64 16.08
C ASP C 10 1.35 11.06 16.54
N LEU C 11 0.06 11.39 16.59
CA LEU C 11 -0.36 12.71 17.03
C LEU C 11 0.03 12.87 18.51
N LYS C 12 -0.21 11.81 19.31
CA LYS C 12 0.14 11.87 20.73
C LYS C 12 1.62 12.08 20.93
N ALA C 13 2.46 11.38 20.15
CA ALA C 13 3.93 11.54 20.28
C ALA C 13 4.31 12.98 19.89
N ILE C 14 3.68 13.54 18.87
CA ILE C 14 4.03 14.90 18.46
C ILE C 14 3.66 15.88 19.57
N ILE C 15 2.47 15.68 20.12
CA ILE C 15 2.00 16.61 21.19
C ILE C 15 2.83 16.47 22.44
N GLN C 16 3.25 15.27 22.77
CA GLN C 16 4.04 15.08 23.98
C GLN C 16 5.39 15.82 23.84
N ALA C 17 5.95 15.91 22.63
CA ALA C 17 7.23 16.65 22.49
C ALA C 17 6.87 18.17 22.44
N LEU C 18 5.82 18.57 21.73
CA LEU C 18 5.51 20.02 21.68
C LEU C 18 5.27 20.62 23.03
N LEU C 19 4.61 19.89 23.90
CA LEU C 19 4.32 20.50 25.19
C LEU C 19 5.56 20.82 26.01
N LYS C 20 6.69 20.18 25.69
CA LYS C 20 7.94 20.47 26.42
C LYS C 20 8.59 21.75 25.90
N LEU C 21 8.10 22.25 24.75
CA LEU C 21 8.64 23.49 24.19
C LEU C 21 7.76 24.69 24.44
N VAL C 22 6.45 24.49 24.20
CA VAL C 22 5.51 25.62 24.26
C VAL C 22 4.20 25.21 24.89
N ASP C 23 3.50 26.16 25.50
CA ASP C 23 2.20 25.83 26.11
C ASP C 23 1.08 25.91 25.06
N GLU C 24 1.31 26.66 23.98
CA GLU C 24 0.33 26.81 22.91
C GLU C 24 1.02 26.74 21.55
N ALA C 25 0.25 26.31 20.57
CA ALA C 25 0.81 26.20 19.23
C ALA C 25 -0.29 26.34 18.22
N LEU C 26 0.10 26.39 16.97
CA LEU C 26 -0.91 26.67 15.94
C LEU C 26 -0.80 25.73 14.75
N PHE C 27 -1.92 25.12 14.32
CA PHE C 27 -1.88 24.24 13.15
C PHE C 27 -2.37 25.08 11.98
N ASP C 28 -1.67 25.05 10.86
CA ASP C 28 -2.14 25.75 9.66
C ASP C 28 -2.71 24.60 8.81
N ILE C 29 -4.05 24.56 8.70
CA ILE C 29 -4.72 23.42 8.03
C ILE C 29 -5.19 23.86 6.66
N LYS C 30 -4.50 23.34 5.66
CA LYS C 30 -4.75 23.72 4.28
C LYS C 30 -5.30 22.60 3.42
N PRO C 31 -5.84 22.94 2.24
CA PRO C 31 -6.37 21.92 1.36
C PRO C 31 -5.32 20.85 1.06
N GLU C 32 -4.04 21.20 1.01
CA GLU C 32 -3.00 20.23 0.69
C GLU C 32 -2.34 19.54 1.83
N GLY C 33 -2.67 19.92 3.06
CA GLY C 33 -2.00 19.28 4.19
C GLY C 33 -1.91 20.27 5.38
N ILE C 34 -1.24 19.82 6.41
CA ILE C 34 -1.15 20.58 7.67
C ILE C 34 0.30 20.92 7.99
N GLN C 35 0.51 22.13 8.46
CA GLN C 35 1.82 22.54 8.88
C GLN C 35 1.79 23.17 10.26
N LEU C 36 2.92 23.03 10.98
CA LEU C 36 3.02 23.70 12.30
C LEU C 36 4.49 23.97 12.59
N VAL C 37 4.79 25.13 13.20
CA VAL C 37 6.16 25.38 13.64
C VAL C 37 6.09 25.93 15.03
N ALA C 38 6.91 25.41 15.95
CA ALA C 38 6.88 25.92 17.33
C ALA C 38 8.30 26.09 17.77
N ILE C 39 8.59 27.22 18.41
CA ILE C 39 9.95 27.44 18.89
C ILE C 39 9.82 27.84 20.37
N ASP C 40 10.77 27.36 21.17
CA ASP C 40 10.65 27.66 22.59
C ASP C 40 11.02 29.13 22.89
N LYS C 41 10.61 29.58 24.08
CA LYS C 41 10.81 30.95 24.48
C LYS C 41 12.27 31.35 24.42
N ALA C 42 13.19 30.44 24.74
CA ALA C 42 14.60 30.79 24.75
C ALA C 42 15.26 30.72 23.37
N HIS C 43 14.43 30.30 22.40
CA HIS C 43 14.74 30.20 20.98
C HIS C 43 16.04 29.17 20.96
N ILE C 44 16.03 28.10 21.81
CA ILE C 44 17.10 27.07 21.94
C ILE C 44 16.64 25.79 21.11
N SER C 45 15.33 25.58 20.98
CA SER C 45 14.88 24.41 20.22
C SER C 45 13.56 24.68 19.50
N LEU C 46 13.33 23.91 18.46
CA LEU C 46 12.11 24.12 17.70
C LEU C 46 11.66 22.84 17.03
N ILE C 47 10.36 22.77 16.79
CA ILE C 47 9.79 21.58 16.10
C ILE C 47 8.98 22.11 14.94
N LYS C 48 9.18 21.49 13.76
CA LYS C 48 8.42 21.83 12.57
C LYS C 48 7.70 20.55 12.11
N ILE C 49 6.44 20.69 11.74
CA ILE C 49 5.64 19.54 11.31
C ILE C 49 5.06 19.83 9.93
N GLU C 50 5.18 18.85 9.02
CA GLU C 50 4.61 18.92 7.70
C GLU C 50 3.84 17.60 7.49
N LEU C 51 2.52 17.67 7.34
CA LEU C 51 1.71 16.43 7.20
C LEU C 51 0.88 16.60 5.91
N PRO C 52 1.40 16.11 4.79
CA PRO C 52 0.66 16.24 3.52
C PRO C 52 -0.61 15.41 3.52
N LYS C 53 -1.57 15.84 2.73
CA LYS C 53 -2.86 15.16 2.65
C LYS C 53 -2.68 13.69 2.29
N GLU C 54 -1.63 13.36 1.52
CA GLU C 54 -1.43 11.97 1.12
C GLU C 54 -1.21 10.99 2.26
N MET C 55 -0.79 11.48 3.45
CA MET C 55 -0.55 10.53 4.52
C MET C 55 -1.85 10.17 5.29
N PHE C 56 -2.95 10.80 4.90
CA PHE C 56 -4.23 10.57 5.58
C PHE C 56 -5.19 9.64 4.87
N LYS C 57 -5.91 8.80 5.65
CA LYS C 57 -6.93 7.90 5.07
C LYS C 57 -7.99 8.73 4.33
N GLU C 58 -8.40 9.85 4.97
CA GLU C 58 -9.32 10.82 4.36
C GLU C 58 -8.78 12.23 4.66
N TYR C 59 -8.94 13.10 3.69
CA TYR C 59 -8.51 14.46 3.90
C TYR C 59 -9.35 15.36 3.01
N ASP C 60 -10.27 16.11 3.61
CA ASP C 60 -11.11 16.99 2.86
C ASP C 60 -11.19 18.35 3.59
N VAL C 61 -10.35 19.30 3.17
CA VAL C 61 -10.35 20.64 3.74
C VAL C 61 -10.65 21.64 2.59
N PRO C 62 -11.92 22.00 2.43
CA PRO C 62 -12.34 22.94 1.35
C PRO C 62 -11.67 24.29 1.42
N GLU C 63 -11.44 24.74 2.63
CA GLU C 63 -10.90 26.09 2.87
C GLU C 63 -9.87 26.10 3.97
N GLU C 64 -8.73 26.75 3.75
CA GLU C 64 -7.73 26.76 4.79
C GLU C 64 -8.18 27.51 6.04
N PHE C 65 -7.72 27.04 7.20
CA PHE C 65 -7.96 27.76 8.46
C PHE C 65 -6.81 27.48 9.41
N LYS C 66 -6.64 28.36 10.40
CA LYS C 66 -5.55 28.20 11.39
C LYS C 66 -6.23 27.88 12.67
N PHE C 67 -5.66 26.92 13.36
CA PHE C 67 -6.27 26.42 14.60
C PHE C 67 -5.26 26.41 15.74
N GLY C 68 -5.51 27.30 16.69
CA GLY C 68 -4.60 27.43 17.83
C GLY C 68 -5.11 26.51 18.93
N PHE C 69 -4.17 25.94 19.66
CA PHE C 69 -4.54 25.06 20.73
C PHE C 69 -3.53 25.06 21.89
N ASN C 70 -3.97 24.52 23.02
CA ASN C 70 -3.11 24.41 24.21
C ASN C 70 -2.55 22.99 24.25
N THR C 71 -1.23 22.92 24.19
CA THR C 71 -0.57 21.60 24.13
C THR C 71 -0.82 20.69 25.31
N GLN C 72 -0.82 21.21 26.54
CA GLN C 72 -1.09 20.32 27.67
C GLN C 72 -2.50 19.83 27.69
N TYR C 73 -3.42 20.70 27.25
CA TYR C 73 -4.82 20.31 27.21
C TYR C 73 -5.01 19.16 26.22
N MET C 74 -4.39 19.30 25.06
CA MET C 74 -4.51 18.26 24.03
C MET C 74 -3.86 16.99 24.53
N SER C 75 -2.75 17.12 25.22
CA SER C 75 -2.06 15.96 25.69
C SER C 75 -2.96 15.17 26.65
N LYS C 76 -3.65 15.91 27.52
CA LYS C 76 -4.53 15.21 28.46
C LYS C 76 -5.73 14.56 27.79
N LEU C 77 -6.26 15.16 26.72
CA LEU C 77 -7.41 14.58 26.04
C LEU C 77 -6.94 13.28 25.39
N LEU C 78 -5.69 13.22 24.95
CA LEU C 78 -5.24 11.99 24.27
C LEU C 78 -4.49 11.05 25.25
N LYS C 79 -4.62 11.30 26.54
CA LYS C 79 -3.84 10.52 27.47
C LYS C 79 -4.15 9.01 27.52
N ALA C 80 -5.42 8.67 27.31
CA ALA C 80 -5.84 7.29 27.36
C ALA C 80 -5.49 6.53 26.09
N ALA C 81 -5.04 7.26 25.06
CA ALA C 81 -4.69 6.60 23.82
C ALA C 81 -3.44 5.84 24.14
N LYS C 82 -3.47 4.54 23.97
CA LYS C 82 -2.28 3.79 24.24
C LYS C 82 -1.86 2.91 23.03
N ARG C 83 -2.82 2.41 22.29
CA ARG C 83 -2.55 1.52 21.18
C ARG C 83 -2.99 2.23 19.90
N LYS C 84 -2.68 1.61 18.78
CA LYS C 84 -3.11 2.18 17.51
C LYS C 84 -4.65 2.24 17.37
N GLU C 85 -5.14 3.46 17.13
CA GLU C 85 -6.58 3.72 16.92
C GLU C 85 -6.65 4.76 15.81
N GLU C 86 -7.73 4.75 15.07
CA GLU C 86 -7.99 5.73 14.06
C GLU C 86 -8.42 7.03 14.74
N ILE C 87 -8.02 8.19 14.23
CA ILE C 87 -8.58 9.43 14.81
C ILE C 87 -9.34 10.10 13.69
N ILE C 88 -10.57 10.50 14.01
CA ILE C 88 -11.51 11.16 13.06
C ILE C 88 -11.62 12.64 13.50
N ILE C 89 -11.35 13.55 12.56
CA ILE C 89 -11.42 14.99 12.88
C ILE C 89 -12.52 15.60 12.02
N ASP C 90 -13.50 16.22 12.69
CA ASP C 90 -14.58 16.86 12.00
C ASP C 90 -14.48 18.31 12.38
N ALA C 91 -14.46 19.18 11.41
CA ALA C 91 -14.46 20.63 11.74
C ALA C 91 -15.41 21.26 10.78
N ASP C 92 -16.56 21.54 11.33
CA ASP C 92 -17.69 22.13 10.62
C ASP C 92 -17.50 23.67 10.47
N SER C 93 -16.66 24.25 11.34
CA SER C 93 -16.24 25.64 11.15
C SER C 93 -14.85 25.67 11.76
N PRO C 94 -14.11 26.77 11.62
CA PRO C 94 -12.76 26.89 12.17
C PRO C 94 -12.80 27.01 13.67
N GLU C 95 -13.96 27.34 14.22
CA GLU C 95 -14.00 27.52 15.67
C GLU C 95 -13.93 26.29 16.55
N VAL C 96 -14.35 25.15 16.02
CA VAL C 96 -14.38 23.96 16.85
C VAL C 96 -13.94 22.73 16.05
N VAL C 97 -13.02 22.00 16.62
CA VAL C 97 -12.61 20.71 16.00
C VAL C 97 -13.16 19.61 16.89
N LYS C 98 -13.80 18.61 16.28
CA LYS C 98 -14.32 17.51 17.07
C LYS C 98 -13.51 16.25 16.71
N LEU C 99 -12.92 15.62 17.72
CA LEU C 99 -12.08 14.44 17.51
C LEU C 99 -12.72 13.20 18.08
N THR C 100 -12.70 12.10 17.31
CA THR C 100 -13.29 10.87 17.83
C THR C 100 -12.24 9.80 17.56
N LEU C 101 -12.00 8.92 18.52
CA LEU C 101 -11.03 7.84 18.33
C LEU C 101 -11.82 6.55 18.09
N SER C 102 -11.25 5.63 17.29
CA SER C 102 -11.95 4.41 16.93
C SER C 102 -12.20 3.47 18.18
N GLY C 103 -11.46 3.69 19.26
CA GLY C 103 -11.64 2.85 20.46
C GLY C 103 -12.93 3.17 21.25
N ALA C 104 -13.54 4.32 20.94
CA ALA C 104 -14.78 4.75 21.60
C ALA C 104 -15.48 5.73 20.62
N LEU C 105 -16.19 5.18 19.65
CA LEU C 105 -16.79 5.99 18.60
C LEU C 105 -17.91 6.89 19.12
N ASN C 106 -18.37 6.65 20.34
CA ASN C 106 -19.43 7.52 20.87
C ASN C 106 -18.85 8.55 21.85
N ARG C 107 -17.53 8.69 21.91
CA ARG C 107 -16.93 9.67 22.81
C ARG C 107 -16.24 10.75 21.97
N VAL C 108 -16.80 11.95 21.93
CA VAL C 108 -16.19 13.03 21.16
C VAL C 108 -15.37 13.94 22.05
N PHE C 109 -14.26 14.43 21.52
CA PHE C 109 -13.45 15.37 22.24
C PHE C 109 -13.61 16.68 21.49
N ASN C 110 -14.10 17.68 22.20
CA ASN C 110 -14.37 18.99 21.65
C ASN C 110 -13.15 19.86 21.89
N VAL C 111 -12.60 20.42 20.82
CA VAL C 111 -11.45 21.31 20.98
C VAL C 111 -11.83 22.70 20.40
N ASN C 112 -11.83 23.75 21.27
CA ASN C 112 -12.24 25.07 20.84
C ASN C 112 -11.04 25.90 20.41
N ASN C 113 -11.11 26.51 19.25
CA ASN C 113 -10.00 27.29 18.70
C ASN C 113 -9.68 28.45 19.65
N ILE C 114 -8.40 28.62 19.96
CA ILE C 114 -7.98 29.73 20.84
C ILE C 114 -6.95 30.60 20.15
N GLU C 115 -6.91 31.89 20.51
CA GLU C 115 -5.93 32.77 19.90
C GLU C 115 -4.51 32.45 20.42
N VAL C 116 -3.59 32.26 19.49
CA VAL C 116 -2.17 32.04 19.80
C VAL C 116 -1.38 32.60 18.57
N LEU C 117 -0.41 33.51 18.73
CA LEU C 117 0.29 33.97 17.49
C LEU C 117 1.31 32.98 16.95
N PRO C 118 1.70 33.08 15.65
CA PRO C 118 2.68 32.19 15.00
C PRO C 118 4.09 32.64 15.39
N PRO C 119 5.17 32.10 14.74
CA PRO C 119 6.58 32.41 15.02
C PRO C 119 6.95 33.53 15.96
N LEU C 126 19.72 24.48 7.12
CA LEU C 126 20.68 23.86 8.01
C LEU C 126 21.79 23.18 7.25
N GLU C 127 22.91 23.87 7.15
CA GLU C 127 24.04 23.31 6.46
C GLU C 127 24.70 22.38 7.46
N PHE C 128 24.94 21.14 7.04
CA PHE C 128 25.51 20.14 7.91
C PHE C 128 26.79 19.55 7.34
N ASP C 129 27.58 18.95 8.20
CA ASP C 129 28.78 18.35 7.71
C ASP C 129 28.60 16.87 7.75
N ILE C 130 27.61 16.42 8.52
CA ILE C 130 27.30 14.97 8.53
C ILE C 130 25.80 14.81 8.66
N LYS C 131 25.21 13.89 7.89
CA LYS C 131 23.79 13.59 8.06
C LYS C 131 23.71 12.04 8.01
N ALA C 132 23.42 11.45 9.15
CA ALA C 132 23.38 9.98 9.28
C ALA C 132 21.94 9.49 9.50
N THR C 133 21.57 8.44 8.77
CA THR C 133 20.26 7.84 8.97
C THR C 133 20.48 6.69 9.94
N ILE C 134 19.91 6.80 11.12
CA ILE C 134 20.10 5.82 12.22
C ILE C 134 18.83 5.32 12.87
N ASN C 135 18.91 4.12 13.47
CA ASN C 135 17.75 3.51 14.12
C ASN C 135 17.16 4.44 15.19
N ALA C 136 15.89 4.80 15.03
CA ALA C 136 15.30 5.78 15.95
C ALA C 136 15.16 5.25 17.37
N SER C 137 14.83 3.97 17.54
CA SER C 137 14.68 3.51 18.90
C SER C 137 16.07 3.37 19.48
N GLY C 138 17.07 3.08 18.63
CA GLY C 138 18.44 3.07 19.11
C GLY C 138 18.87 4.44 19.61
N LEU C 139 18.49 5.49 18.88
CA LEU C 139 18.84 6.86 19.33
C LEU C 139 18.11 7.15 20.65
N LYS C 140 16.82 6.80 20.72
CA LYS C 140 16.09 7.06 21.93
C LYS C 140 16.78 6.36 23.11
N ASN C 141 17.19 5.11 22.93
CA ASN C 141 17.84 4.42 24.04
C ASN C 141 19.17 5.07 24.44
N ALA C 142 19.94 5.49 23.44
CA ALA C 142 21.23 6.17 23.67
C ALA C 142 21.01 7.44 24.49
N ILE C 143 20.09 8.29 24.03
CA ILE C 143 19.77 9.51 24.75
C ILE C 143 19.33 9.29 26.23
N GLY C 144 18.37 8.38 26.40
CA GLY C 144 17.93 8.08 27.75
C GLY C 144 19.08 7.62 28.63
N GLU C 145 19.96 6.79 28.10
CA GLU C 145 21.09 6.30 28.88
C GLU C 145 22.08 7.41 29.18
N ILE C 146 22.30 8.29 28.22
CA ILE C 146 23.25 9.37 28.45
C ILE C 146 22.60 10.31 29.48
N ALA C 147 21.33 10.60 29.29
CA ALA C 147 20.67 11.54 30.19
C ALA C 147 20.73 11.09 31.65
N GLU C 148 20.73 9.78 31.92
CA GLU C 148 20.77 9.38 33.32
C GLU C 148 22.14 9.59 33.93
N VAL C 149 23.19 9.73 33.11
CA VAL C 149 24.53 9.93 33.66
C VAL C 149 25.33 11.20 33.30
N ALA C 150 24.73 12.13 32.56
CA ALA C 150 25.47 13.31 32.19
C ALA C 150 24.46 14.38 31.84
N ASP C 151 24.87 15.64 31.77
CA ASP C 151 23.97 16.74 31.41
C ASP C 151 24.23 17.21 29.97
N THR C 152 25.29 16.67 29.38
CA THR C 152 25.68 17.00 28.05
C THR C 152 25.91 15.80 27.15
N LEU C 153 25.27 15.87 25.98
CA LEU C 153 25.48 14.82 24.99
C LEU C 153 26.49 15.28 23.97
N LEU C 154 27.54 14.50 23.79
CA LEU C 154 28.56 14.74 22.77
C LEU C 154 28.27 13.85 21.53
N ILE C 155 28.38 14.41 20.33
CA ILE C 155 28.18 13.59 19.15
C ILE C 155 29.31 13.83 18.17
N SER C 156 29.85 12.75 17.59
CA SER C 156 30.84 12.94 16.61
C SER C 156 30.58 12.02 15.42
N GLY C 157 31.06 12.40 14.26
CA GLY C 157 30.82 11.53 13.11
C GLY C 157 31.93 11.60 12.07
N ASN C 158 32.03 10.58 11.23
CA ASN C 158 33.02 10.61 10.18
C ASN C 158 32.40 9.91 8.97
N GLU C 159 33.20 9.45 8.02
CA GLU C 159 32.67 8.78 6.83
C GLU C 159 31.86 7.54 7.12
N GLU C 160 32.19 6.84 8.19
CA GLU C 160 31.46 5.63 8.47
C GLU C 160 30.70 5.47 9.75
N LYS C 161 30.79 6.41 10.71
CA LYS C 161 29.99 6.20 11.92
C LYS C 161 29.62 7.48 12.66
N VAL C 162 28.62 7.36 13.52
CA VAL C 162 28.24 8.44 14.42
C VAL C 162 28.32 7.86 15.79
N VAL C 163 28.95 8.61 16.69
CA VAL C 163 29.10 8.21 18.04
C VAL C 163 28.54 9.22 19.02
N VAL C 164 27.75 8.74 19.97
CA VAL C 164 27.20 9.65 20.96
C VAL C 164 27.64 9.20 22.37
N LYS C 165 28.00 10.14 23.22
CA LYS C 165 28.36 9.74 24.59
C LYS C 165 28.08 10.92 25.54
N GLY C 166 28.11 10.67 26.85
CA GLY C 166 27.89 11.75 27.77
C GLY C 166 29.22 12.47 27.97
N GLU C 167 29.20 13.78 28.19
CA GLU C 167 30.48 14.47 28.39
C GLU C 167 30.93 14.12 29.83
N GLY C 168 32.24 13.92 30.01
CA GLY C 168 32.77 13.56 31.33
C GLY C 168 33.44 12.21 31.40
N GLU C 169 33.80 11.79 32.62
CA GLU C 169 34.46 10.49 32.85
C GLU C 169 33.45 9.36 32.88
N ASN C 170 33.67 8.35 32.05
CA ASN C 170 32.79 7.19 31.99
C ASN C 170 32.94 6.50 30.67
N LYS C 171 32.11 5.47 30.48
CA LYS C 171 32.08 4.67 29.25
C LYS C 171 30.64 4.40 28.79
N VAL C 172 29.86 5.49 28.67
CA VAL C 172 28.46 5.45 28.20
C VAL C 172 28.57 6.06 26.82
N GLU C 173 28.85 5.18 25.88
CA GLU C 173 29.07 5.54 24.50
C GLU C 173 28.35 4.58 23.58
N VAL C 174 27.67 5.12 22.58
CA VAL C 174 26.97 4.31 21.65
C VAL C 174 27.40 4.68 20.23
N GLU C 175 27.79 3.66 19.48
CA GLU C 175 28.24 3.88 18.12
C GLU C 175 27.17 3.42 17.13
N PHE C 176 26.88 4.24 16.11
CA PHE C 176 25.93 3.89 15.09
C PHE C 176 26.72 3.70 13.82
N SER C 177 26.86 2.45 13.37
CA SER C 177 27.58 2.23 12.12
C SER C 177 27.00 0.99 11.47
N LYS C 178 27.46 0.67 10.26
CA LYS C 178 26.96 -0.53 9.58
C LYS C 178 27.40 -1.74 10.39
N ASP C 179 28.63 -1.68 10.95
CA ASP C 179 29.14 -2.74 11.80
C ASP C 179 28.33 -2.96 13.04
N THR C 180 27.68 -1.89 13.57
CA THR C 180 26.86 -2.03 14.78
C THR C 180 25.40 -2.37 14.37
N GLY C 181 25.12 -2.22 13.08
CA GLY C 181 23.82 -2.53 12.51
C GLY C 181 22.75 -1.51 12.78
N SER C 182 23.15 -0.33 13.27
CA SER C 182 22.16 0.71 13.62
C SER C 182 22.21 1.93 12.70
N LEU C 183 23.05 1.87 11.68
CA LEU C 183 23.21 2.94 10.72
C LEU C 183 22.83 2.45 9.34
N ALA C 184 21.89 3.14 8.69
CA ALA C 184 21.43 2.76 7.36
C ALA C 184 22.14 3.54 6.25
N ASP C 185 22.64 4.73 6.56
CA ASP C 185 23.25 5.52 5.51
C ASP C 185 23.88 6.75 6.15
N ILE C 186 24.85 7.33 5.47
CA ILE C 186 25.52 8.50 5.98
C ILE C 186 25.93 9.43 4.84
N GLU C 187 25.59 10.71 4.92
CA GLU C 187 26.01 11.70 3.92
C GLU C 187 27.20 12.41 4.63
N PHE C 188 28.39 12.34 4.05
CA PHE C 188 29.55 12.91 4.70
C PHE C 188 30.14 14.08 3.97
N ASN C 189 30.36 15.18 4.69
CA ASN C 189 31.00 16.37 4.12
C ASN C 189 32.33 16.64 4.79
N LYS C 190 32.37 16.44 6.10
CA LYS C 190 33.53 16.71 6.93
C LYS C 190 33.34 16.04 8.27
N GLU C 191 34.42 15.54 8.84
CA GLU C 191 34.32 14.94 10.15
C GLU C 191 33.82 16.08 11.07
N SER C 192 32.99 15.76 12.08
CA SER C 192 32.47 16.79 12.99
C SER C 192 32.22 16.28 14.38
N SER C 193 32.12 17.22 15.31
CA SER C 193 31.84 16.89 16.69
C SER C 193 31.10 18.11 17.30
N SER C 194 30.08 17.84 18.08
CA SER C 194 29.33 18.94 18.65
C SER C 194 28.78 18.49 19.99
N ALA C 195 28.09 19.36 20.72
CA ALA C 195 27.66 19.07 22.08
C ALA C 195 26.34 19.76 22.33
N TYR C 196 25.50 19.08 23.11
CA TYR C 196 24.14 19.53 23.39
C TYR C 196 23.67 19.24 24.77
N ASP C 197 22.74 20.07 25.26
CA ASP C 197 22.12 19.80 26.55
C ASP C 197 21.24 18.53 26.34
N VAL C 198 21.55 17.45 27.08
CA VAL C 198 20.81 16.21 26.87
C VAL C 198 19.41 16.30 27.42
N GLU C 199 19.17 17.23 28.35
CA GLU C 199 17.82 17.40 28.93
C GLU C 199 16.81 17.72 27.83
N TYR C 200 17.23 18.56 26.86
CA TYR C 200 16.35 18.98 25.76
C TYR C 200 16.02 17.80 24.84
N LEU C 201 17.06 17.02 24.49
CA LEU C 201 16.86 15.85 23.63
C LEU C 201 15.95 14.82 24.33
N ASN C 202 16.22 14.63 25.63
CA ASN C 202 15.44 13.64 26.33
C ASN C 202 13.96 14.08 26.35
N ASP C 203 13.71 15.39 26.42
CA ASP C 203 12.36 15.95 26.42
C ASP C 203 11.57 15.57 25.15
N ILE C 204 12.23 15.41 24.00
CA ILE C 204 11.48 15.16 22.78
C ILE C 204 11.56 13.74 22.23
N ILE C 205 12.03 12.82 23.06
CA ILE C 205 12.25 11.46 22.66
C ILE C 205 10.99 10.77 22.11
N SER C 206 9.81 11.30 22.42
CA SER C 206 8.59 10.69 21.88
C SER C 206 8.57 10.78 20.35
N LEU C 207 9.27 11.75 19.75
CA LEU C 207 9.27 11.84 18.31
C LEU C 207 9.89 10.57 17.68
N THR C 208 10.76 9.86 18.40
CA THR C 208 11.40 8.71 17.76
C THR C 208 10.37 7.61 17.45
N LYS C 209 9.15 7.72 17.98
CA LYS C 209 8.13 6.70 17.67
C LYS C 209 7.51 6.93 16.29
N LEU C 210 7.78 8.08 15.68
CA LEU C 210 7.24 8.42 14.38
C LEU C 210 7.81 7.64 13.15
N SER C 211 8.99 7.08 13.29
CA SER C 211 9.57 6.42 12.12
C SER C 211 10.65 5.43 12.61
N ASP C 212 10.94 4.40 11.81
CA ASP C 212 11.95 3.40 12.18
C ASP C 212 13.36 4.01 12.29
N TYR C 213 13.64 4.91 11.38
CA TYR C 213 14.92 5.61 11.35
C TYR C 213 14.76 7.13 11.49
N VAL C 214 15.84 7.78 11.93
CA VAL C 214 15.85 9.28 12.09
C VAL C 214 17.10 9.76 11.36
N LYS C 215 17.01 10.91 10.67
CA LYS C 215 18.20 11.44 10.00
C LYS C 215 18.74 12.46 10.99
N VAL C 216 19.97 12.28 11.44
CA VAL C 216 20.66 13.15 12.41
C VAL C 216 21.71 13.95 11.66
N ALA C 217 21.57 15.28 11.64
CA ALA C 217 22.53 16.07 10.92
C ALA C 217 23.15 17.08 11.88
N PHE C 218 24.42 17.37 11.64
CA PHE C 218 25.09 18.33 12.53
C PHE C 218 26.39 18.74 11.91
N ALA C 219 27.08 19.62 12.61
CA ALA C 219 28.38 20.13 12.18
C ALA C 219 29.08 20.70 13.44
N ASP C 220 30.38 20.99 13.37
CA ASP C 220 31.11 21.53 14.52
C ASP C 220 30.41 22.75 15.09
N GLN C 221 30.06 22.75 16.37
CA GLN C 221 29.41 23.89 17.06
C GLN C 221 28.18 24.48 16.39
N LYS C 222 27.40 23.60 15.76
CA LYS C 222 26.19 24.03 15.09
C LYS C 222 25.06 23.21 15.66
N PRO C 223 23.81 23.65 15.42
CA PRO C 223 22.61 22.94 15.91
C PRO C 223 22.58 21.49 15.37
N MET C 224 21.88 20.66 16.13
CA MET C 224 21.63 19.27 15.72
C MET C 224 20.21 19.32 15.09
N GLN C 225 20.00 18.63 13.97
CA GLN C 225 18.70 18.53 13.36
C GLN C 225 18.29 17.04 13.33
N LEU C 226 17.10 16.75 13.79
CA LEU C 226 16.59 15.38 13.72
C LEU C 226 15.41 15.44 12.77
N GLU C 227 15.41 14.60 11.73
CA GLU C 227 14.27 14.57 10.79
C GLU C 227 13.64 13.20 10.85
N PHE C 228 12.33 13.17 11.09
CA PHE C 228 11.57 11.89 11.16
C PHE C 228 10.73 11.87 9.92
N ASN C 229 11.03 10.96 8.96
CA ASN C 229 10.24 10.90 7.71
C ASN C 229 9.24 9.80 7.87
N MET C 230 7.99 10.16 7.72
CA MET C 230 6.88 9.23 7.90
C MET C 230 6.26 8.78 6.56
N GLU C 231 5.49 7.70 6.58
CA GLU C 231 4.81 7.26 5.34
C GLU C 231 3.89 8.37 4.79
N GLY C 232 3.74 8.49 3.47
CA GLY C 232 2.86 9.50 2.88
C GLY C 232 3.51 10.84 2.68
N GLY C 233 4.78 10.92 3.10
CA GLY C 233 5.50 12.16 2.94
C GLY C 233 5.54 12.99 4.23
N GLY C 234 4.98 12.50 5.34
CA GLY C 234 4.99 13.28 6.60
C GLY C 234 6.44 13.55 7.03
N LYS C 235 6.67 14.73 7.63
CA LYS C 235 8.06 15.00 8.07
C LYS C 235 8.00 15.85 9.34
N VAL C 236 8.68 15.39 10.40
CA VAL C 236 8.75 16.17 11.63
C VAL C 236 10.25 16.47 11.81
N THR C 237 10.57 17.74 12.00
CA THR C 237 11.97 18.16 12.15
C THR C 237 12.13 18.84 13.54
N TYR C 238 13.20 18.47 14.24
CA TYR C 238 13.52 19.04 15.55
C TYR C 238 14.90 19.63 15.40
N LEU C 239 15.10 20.83 15.97
CA LEU C 239 16.41 21.51 15.89
C LEU C 239 16.75 21.98 17.32
N LEU C 240 18.02 21.76 17.70
CA LEU C 240 18.55 22.08 19.04
C LEU C 240 19.87 22.83 18.93
N ALA C 241 19.90 24.00 19.57
CA ALA C 241 21.09 24.86 19.57
C ALA C 241 22.20 24.11 20.34
N PRO C 242 23.45 24.38 19.99
CA PRO C 242 24.58 23.70 20.63
C PRO C 242 25.24 24.38 21.80
N LYS C 243 25.98 23.58 22.54
CA LYS C 243 26.91 24.13 23.56
C LYS C 243 28.23 24.38 22.75
N LEU C 244 29.22 25.00 23.40
CA LEU C 244 30.51 25.16 22.74
C LEU C 244 31.26 23.83 22.81
N SER C 245 31.03 23.08 23.87
CA SER C 245 31.74 21.81 24.13
C SER C 245 31.29 20.99 25.33
N ALA D 1 19.68 -35.40 0.46
CA ALA D 1 19.88 -34.19 1.30
C ALA D 1 19.87 -32.92 0.42
N HIS D 2 19.30 -31.87 0.98
CA HIS D 2 19.10 -30.59 0.30
C HIS D 2 19.35 -29.54 1.34
N ILE D 3 20.34 -28.68 1.06
CA ILE D 3 20.75 -27.64 1.95
C ILE D 3 20.81 -26.33 1.16
N VAL D 4 20.24 -25.26 1.72
CA VAL D 4 20.33 -23.95 1.00
C VAL D 4 20.89 -22.93 1.99
N TYR D 5 21.94 -22.20 1.61
CA TYR D 5 22.52 -21.19 2.44
C TYR D 5 22.35 -19.88 1.70
N ASP D 6 22.11 -18.77 2.41
CA ASP D 6 21.77 -17.54 1.73
C ASP D 6 22.87 -16.71 1.15
N ASP D 7 24.11 -17.01 1.52
CA ASP D 7 25.20 -16.17 1.06
C ASP D 7 26.45 -16.94 0.68
N VAL D 8 26.56 -17.30 -0.59
CA VAL D 8 27.73 -18.04 -1.09
C VAL D 8 29.08 -17.42 -0.73
N ARG D 9 29.10 -16.09 -0.52
CA ARG D 9 30.36 -15.41 -0.20
C ARG D 9 30.98 -15.94 1.07
N ASP D 10 30.18 -16.37 2.03
CA ASP D 10 30.77 -16.87 3.28
C ASP D 10 31.50 -18.20 2.99
N LEU D 11 30.90 -19.09 2.17
CA LEU D 11 31.58 -20.34 1.85
C LEU D 11 32.87 -20.07 1.11
N LYS D 12 32.81 -19.11 0.21
CA LYS D 12 33.99 -18.73 -0.58
C LYS D 12 35.10 -18.23 0.38
N ALA D 13 34.75 -17.38 1.36
CA ALA D 13 35.73 -16.83 2.31
C ALA D 13 36.37 -17.98 3.15
N ILE D 14 35.54 -18.95 3.52
CA ILE D 14 36.03 -20.08 4.28
C ILE D 14 37.03 -20.90 3.45
N ILE D 15 36.68 -21.19 2.21
CA ILE D 15 37.55 -22.05 1.39
C ILE D 15 38.85 -21.35 1.01
N GLN D 16 38.77 -20.04 0.79
CA GLN D 16 40.00 -19.28 0.49
C GLN D 16 41.02 -19.41 1.64
N ALA D 17 40.55 -19.47 2.88
CA ALA D 17 41.47 -19.65 3.98
C ALA D 17 41.92 -21.11 4.07
N LEU D 18 40.97 -22.03 3.95
CA LEU D 18 41.30 -23.45 4.12
C LEU D 18 42.39 -23.86 3.14
N LEU D 19 42.33 -23.36 1.90
CA LEU D 19 43.31 -23.83 0.92
C LEU D 19 44.73 -23.47 1.26
N LYS D 20 44.91 -22.50 2.16
CA LYS D 20 46.25 -22.07 2.56
C LYS D 20 46.82 -22.98 3.60
N LEU D 21 45.98 -23.78 4.25
CA LEU D 21 46.39 -24.72 5.27
C LEU D 21 46.51 -26.14 4.81
N VAL D 22 45.54 -26.54 3.98
CA VAL D 22 45.53 -27.94 3.56
C VAL D 22 45.05 -28.10 2.11
N ASP D 23 45.55 -29.14 1.43
CA ASP D 23 45.07 -29.34 0.05
C ASP D 23 43.69 -30.01 0.00
N GLU D 24 43.32 -30.77 1.03
CA GLU D 24 42.05 -31.48 1.04
C GLU D 24 41.44 -31.29 2.44
N ALA D 25 40.12 -31.32 2.52
CA ALA D 25 39.39 -31.17 3.81
C ALA D 25 38.08 -31.89 3.75
N LEU D 26 37.42 -31.96 4.91
CA LEU D 26 36.21 -32.75 4.98
C LEU D 26 35.13 -32.06 5.73
N PHE D 27 33.96 -31.92 5.05
CA PHE D 27 32.79 -31.41 5.72
C PHE D 27 32.04 -32.65 6.32
N ASP D 28 31.78 -32.63 7.61
CA ASP D 28 30.99 -33.66 8.30
C ASP D 28 29.57 -33.05 8.38
N ILE D 29 28.67 -33.54 7.51
CA ILE D 29 27.30 -33.01 7.34
C ILE D 29 26.32 -33.91 8.15
N LYS D 30 25.88 -33.40 9.29
CA LYS D 30 25.00 -34.18 10.15
C LYS D 30 23.63 -33.48 10.28
N PRO D 31 22.68 -34.19 10.84
CA PRO D 31 21.35 -33.61 10.99
C PRO D 31 21.33 -32.27 11.72
N GLU D 32 22.22 -32.09 12.68
CA GLU D 32 22.23 -30.88 13.46
C GLU D 32 23.00 -29.73 12.84
N GLY D 33 23.81 -30.04 11.80
CA GLY D 33 24.61 -28.95 11.22
C GLY D 33 25.88 -29.49 10.57
N ILE D 34 26.73 -28.59 10.10
CA ILE D 34 27.97 -29.05 9.40
C ILE D 34 29.21 -28.72 10.24
N GLN D 35 30.17 -29.62 10.31
CA GLN D 35 31.39 -29.30 11.07
C GLN D 35 32.63 -29.58 10.22
N LEU D 36 33.71 -28.84 10.46
CA LEU D 36 34.94 -29.17 9.74
C LEU D 36 36.09 -28.79 10.61
N VAL D 37 37.17 -29.58 10.58
CA VAL D 37 38.38 -29.18 11.29
C VAL D 37 39.53 -29.47 10.31
N ALA D 38 40.53 -28.59 10.26
CA ALA D 38 41.67 -28.85 9.37
C ALA D 38 42.90 -28.27 10.06
N ILE D 39 44.01 -29.03 9.98
CA ILE D 39 45.25 -28.58 10.60
C ILE D 39 46.35 -28.70 9.54
N ASP D 40 47.24 -27.71 9.49
CA ASP D 40 48.31 -27.78 8.48
C ASP D 40 49.30 -28.90 8.82
N LYS D 41 50.11 -29.28 7.82
CA LYS D 41 51.05 -30.37 7.98
C LYS D 41 52.00 -30.23 9.16
N ALA D 42 52.47 -29.03 9.41
CA ALA D 42 53.42 -28.74 10.52
C ALA D 42 52.75 -28.66 11.91
N HIS D 43 51.42 -28.75 11.90
CA HIS D 43 50.62 -28.67 13.14
C HIS D 43 50.93 -27.36 13.85
N ILE D 44 50.98 -26.30 13.07
CA ILE D 44 51.22 -24.94 13.53
C ILE D 44 49.93 -24.09 13.54
N SER D 45 48.99 -24.39 12.62
CA SER D 45 47.77 -23.58 12.54
C SER D 45 46.60 -24.49 12.23
N LEU D 46 45.41 -24.04 12.61
CA LEU D 46 44.24 -24.92 12.46
C LEU D 46 43.00 -24.08 12.31
N ILE D 47 41.99 -24.61 11.61
CA ILE D 47 40.71 -23.90 11.44
C ILE D 47 39.64 -24.89 11.84
N LYS D 48 38.65 -24.42 12.62
CA LYS D 48 37.54 -25.28 12.99
C LYS D 48 36.28 -24.49 12.58
N ILE D 49 35.33 -25.20 11.97
CA ILE D 49 34.10 -24.55 11.49
C ILE D 49 32.90 -25.28 12.08
N GLU D 50 31.93 -24.53 12.62
CA GLU D 50 30.71 -25.14 13.18
C GLU D 50 29.57 -24.31 12.51
N LEU D 51 28.70 -24.95 11.70
CA LEU D 51 27.60 -24.19 11.00
C LEU D 51 26.31 -24.90 11.39
N PRO D 52 25.67 -24.49 12.48
CA PRO D 52 24.41 -25.18 12.89
C PRO D 52 23.33 -25.08 11.84
N LYS D 53 22.44 -26.06 11.86
CA LYS D 53 21.35 -26.07 10.88
C LYS D 53 20.56 -24.77 10.93
N GLU D 54 20.49 -24.14 12.10
CA GLU D 54 19.72 -22.88 12.22
C GLU D 54 20.23 -21.77 11.32
N MET D 55 21.49 -21.78 10.87
CA MET D 55 21.92 -20.66 10.03
C MET D 55 21.54 -20.80 8.54
N PHE D 56 20.90 -21.90 8.18
CA PHE D 56 20.55 -22.15 6.79
C PHE D 56 19.08 -21.91 6.47
N LYS D 57 18.82 -21.41 5.27
CA LYS D 57 17.44 -21.20 4.82
C LYS D 57 16.69 -22.54 4.84
N GLU D 58 17.29 -23.62 4.31
CA GLU D 58 16.68 -24.95 4.35
C GLU D 58 17.81 -25.91 4.70
N TYR D 59 17.49 -26.91 5.52
CA TYR D 59 18.51 -27.85 5.92
C TYR D 59 17.81 -29.18 6.07
N ASP D 60 17.82 -29.95 4.99
CA ASP D 60 17.21 -31.28 4.91
C ASP D 60 18.30 -32.34 4.87
N VAL D 61 18.74 -32.84 6.01
CA VAL D 61 19.79 -33.87 6.08
C VAL D 61 19.25 -35.07 6.88
N PRO D 62 18.60 -36.02 6.17
CA PRO D 62 18.04 -37.22 6.86
C PRO D 62 19.14 -38.04 7.48
N GLU D 63 20.24 -38.18 6.76
CA GLU D 63 21.33 -38.95 7.31
C GLU D 63 22.69 -38.32 7.18
N GLU D 64 23.48 -38.46 8.23
CA GLU D 64 24.77 -37.86 8.13
C GLU D 64 25.62 -38.44 7.04
N PHE D 65 26.48 -37.58 6.47
CA PHE D 65 27.43 -38.07 5.49
C PHE D 65 28.65 -37.12 5.48
N LYS D 66 29.73 -37.60 4.90
CA LYS D 66 30.98 -36.86 4.92
C LYS D 66 31.36 -36.48 3.47
N PHE D 67 31.61 -35.19 3.23
CA PHE D 67 31.96 -34.67 1.89
C PHE D 67 33.47 -34.27 1.91
N GLY D 68 34.32 -35.08 1.29
CA GLY D 68 35.74 -34.78 1.22
C GLY D 68 35.95 -34.01 -0.07
N PHE D 69 36.82 -32.99 -0.06
CA PHE D 69 37.04 -32.19 -1.27
C PHE D 69 38.43 -31.63 -1.32
N ASN D 70 38.84 -31.21 -2.52
CA ASN D 70 40.11 -30.59 -2.74
C ASN D 70 39.86 -29.10 -2.61
N THR D 71 40.63 -28.44 -1.70
CA THR D 71 40.37 -27.04 -1.44
C THR D 71 40.61 -26.08 -2.57
N GLN D 72 41.71 -26.26 -3.29
CA GLN D 72 41.97 -25.37 -4.42
C GLN D 72 40.98 -25.57 -5.55
N TYR D 73 40.56 -26.81 -5.80
CA TYR D 73 39.59 -27.04 -6.87
C TYR D 73 38.24 -26.30 -6.49
N MET D 74 37.79 -26.47 -5.26
CA MET D 74 36.53 -25.85 -4.87
C MET D 74 36.67 -24.33 -4.93
N SER D 75 37.84 -23.81 -4.54
CA SER D 75 38.00 -22.37 -4.54
C SER D 75 37.90 -21.87 -5.98
N LYS D 76 38.41 -22.65 -6.94
CA LYS D 76 38.28 -22.17 -8.32
C LYS D 76 36.84 -22.21 -8.83
N LEU D 77 36.03 -23.15 -8.30
CA LEU D 77 34.62 -23.22 -8.73
C LEU D 77 33.84 -22.03 -8.16
N LEU D 78 34.27 -21.57 -6.99
CA LEU D 78 33.59 -20.43 -6.33
C LEU D 78 34.17 -19.05 -6.68
N LYS D 79 35.24 -19.03 -7.49
CA LYS D 79 35.94 -17.74 -7.75
C LYS D 79 35.05 -16.62 -8.31
N ALA D 80 34.13 -16.97 -9.20
CA ALA D 80 33.29 -15.94 -9.81
C ALA D 80 32.12 -15.46 -8.91
N ALA D 81 31.90 -16.08 -7.76
CA ALA D 81 30.82 -15.62 -6.88
C ALA D 81 31.34 -14.38 -6.19
N LYS D 82 30.60 -13.28 -6.35
CA LYS D 82 31.03 -12.01 -5.81
C LYS D 82 29.91 -11.26 -5.09
N ARG D 83 28.67 -11.64 -5.31
CA ARG D 83 27.53 -10.96 -4.70
C ARG D 83 26.80 -11.91 -3.78
N LYS D 84 26.02 -11.37 -2.85
CA LYS D 84 25.27 -12.22 -1.97
C LYS D 84 24.25 -12.97 -2.83
N GLU D 85 24.37 -14.29 -2.86
CA GLU D 85 23.46 -15.15 -3.61
C GLU D 85 23.35 -16.53 -2.88
N GLU D 86 22.18 -17.15 -2.99
CA GLU D 86 21.99 -18.47 -2.41
C GLU D 86 22.87 -19.49 -3.09
N ILE D 87 23.30 -20.45 -2.30
CA ILE D 87 23.98 -21.63 -2.87
C ILE D 87 23.11 -22.81 -2.35
N ILE D 88 22.78 -23.74 -3.25
CA ILE D 88 22.00 -24.93 -2.90
C ILE D 88 23.02 -26.08 -2.99
N ILE D 89 22.95 -26.96 -2.02
CA ILE D 89 23.84 -28.12 -1.94
C ILE D 89 22.90 -29.36 -1.89
N ASP D 90 22.96 -30.17 -2.93
CA ASP D 90 22.12 -31.38 -3.04
C ASP D 90 23.00 -32.60 -3.12
N ALA D 91 22.62 -33.65 -2.41
CA ALA D 91 23.36 -34.92 -2.48
C ALA D 91 22.34 -36.02 -2.25
N ASP D 92 21.80 -36.61 -3.29
CA ASP D 92 20.84 -37.73 -3.09
C ASP D 92 21.58 -39.06 -2.94
N SER D 93 22.88 -38.96 -2.64
CA SER D 93 23.80 -40.08 -2.36
C SER D 93 25.18 -39.46 -2.06
N PRO D 94 25.98 -40.10 -1.19
CA PRO D 94 27.30 -39.53 -0.89
C PRO D 94 28.35 -39.30 -2.00
N GLU D 95 28.27 -40.06 -3.07
CA GLU D 95 29.25 -39.99 -4.12
C GLU D 95 29.41 -38.67 -4.89
N VAL D 96 28.32 -37.93 -5.02
CA VAL D 96 28.32 -36.67 -5.78
C VAL D 96 27.51 -35.61 -5.07
N VAL D 97 28.08 -34.42 -4.91
CA VAL D 97 27.34 -33.30 -4.29
C VAL D 97 27.11 -32.31 -5.41
N LYS D 98 25.88 -31.84 -5.58
CA LYS D 98 25.61 -30.89 -6.66
C LYS D 98 25.51 -29.50 -6.07
N LEU D 99 26.32 -28.55 -6.57
CA LEU D 99 26.22 -27.16 -6.04
C LEU D 99 25.49 -26.29 -7.07
N THR D 100 24.43 -25.57 -6.68
CA THR D 100 23.81 -24.72 -7.69
C THR D 100 23.99 -23.30 -7.17
N LEU D 101 24.74 -22.48 -7.93
CA LEU D 101 25.03 -21.09 -7.54
C LEU D 101 24.06 -20.17 -8.20
N SER D 102 23.08 -19.69 -7.47
CA SER D 102 22.12 -18.76 -8.06
C SER D 102 22.77 -17.40 -8.50
N GLY D 103 22.14 -16.68 -9.41
CA GLY D 103 22.70 -15.42 -9.88
C GLY D 103 22.60 -15.25 -11.39
N ALA D 104 23.37 -14.30 -11.94
CA ALA D 104 23.36 -13.96 -13.37
C ALA D 104 23.54 -15.12 -14.33
N LEU D 105 24.31 -16.13 -13.94
CA LEU D 105 24.47 -17.27 -14.84
C LEU D 105 23.87 -18.58 -14.28
N ASN D 106 23.60 -18.65 -12.99
CA ASN D 106 23.03 -19.89 -12.46
C ASN D 106 23.85 -21.13 -12.78
N ARG D 107 25.09 -21.12 -12.32
CA ARG D 107 26.01 -22.20 -12.55
C ARG D 107 25.68 -23.40 -11.67
N VAL D 108 25.81 -24.58 -12.25
CA VAL D 108 25.58 -25.83 -11.53
C VAL D 108 26.91 -26.62 -11.64
N PHE D 109 27.36 -27.15 -10.50
CA PHE D 109 28.59 -27.97 -10.49
C PHE D 109 28.34 -29.27 -9.75
N ASN D 110 28.46 -30.42 -10.42
CA ASN D 110 28.39 -31.73 -9.79
C ASN D 110 29.83 -32.00 -9.37
N VAL D 111 30.07 -32.23 -8.05
CA VAL D 111 31.40 -32.43 -7.53
C VAL D 111 31.49 -33.80 -6.92
N ASN D 112 32.38 -34.64 -7.44
CA ASN D 112 32.50 -35.96 -6.90
C ASN D 112 33.24 -35.98 -5.60
N ASN D 113 32.61 -36.66 -4.64
CA ASN D 113 33.21 -36.86 -3.33
C ASN D 113 34.61 -37.56 -3.44
N ILE D 114 35.55 -37.14 -2.61
CA ILE D 114 36.84 -37.81 -2.58
C ILE D 114 37.11 -38.22 -1.12
N GLU D 115 37.84 -39.30 -0.93
CA GLU D 115 38.13 -39.75 0.44
C GLU D 115 39.13 -38.85 1.16
N VAL D 116 38.68 -38.26 2.26
CA VAL D 116 39.57 -37.43 3.06
C VAL D 116 39.46 -37.88 4.50
N LEU D 117 40.60 -38.23 5.07
CA LEU D 117 40.65 -38.63 6.47
C LEU D 117 40.64 -37.39 7.33
N PRO D 118 39.76 -37.34 8.33
CA PRO D 118 39.68 -36.18 9.23
C PRO D 118 40.88 -36.23 10.19
N PRO D 119 41.42 -35.05 10.61
CA PRO D 119 42.56 -34.94 11.54
C PRO D 119 42.23 -35.56 12.87
N VAL D 124 43.27 -28.51 22.27
CA VAL D 124 44.09 -27.34 22.53
C VAL D 124 43.53 -26.56 23.73
N ASN D 125 44.39 -26.24 24.71
CA ASN D 125 43.96 -25.47 25.90
C ASN D 125 43.59 -24.10 25.40
N LEU D 126 42.43 -23.57 25.76
CA LEU D 126 42.05 -22.26 25.20
C LEU D 126 42.00 -21.12 26.25
N GLU D 127 42.73 -21.33 27.36
CA GLU D 127 42.84 -20.34 28.43
C GLU D 127 43.56 -19.11 27.83
N PHE D 128 43.18 -17.90 28.22
CA PHE D 128 43.87 -16.73 27.64
C PHE D 128 44.17 -15.64 28.68
N ASP D 129 45.07 -14.75 28.33
CA ASP D 129 45.43 -13.61 29.19
C ASP D 129 44.53 -12.41 28.81
N ILE D 130 44.21 -12.32 27.51
CA ILE D 130 43.44 -11.20 26.96
C ILE D 130 42.48 -11.73 25.90
N LYS D 131 41.24 -11.24 25.90
CA LYS D 131 40.34 -11.61 24.79
C LYS D 131 39.64 -10.33 24.41
N ALA D 132 39.95 -9.82 23.23
CA ALA D 132 39.45 -8.55 22.74
C ALA D 132 38.52 -8.70 21.55
N THR D 133 37.43 -7.93 21.59
CA THR D 133 36.47 -7.96 20.49
C THR D 133 36.80 -6.75 19.68
N ILE D 134 37.38 -7.00 18.51
CA ILE D 134 37.90 -5.94 17.64
C ILE D 134 37.22 -5.86 16.29
N ASN D 135 37.18 -4.68 15.67
CA ASN D 135 36.57 -4.56 14.33
C ASN D 135 37.31 -5.46 13.33
N ALA D 136 36.58 -6.32 12.63
CA ALA D 136 37.20 -7.32 11.74
C ALA D 136 37.94 -6.72 10.56
N SER D 137 37.32 -5.72 9.91
CA SER D 137 38.00 -5.09 8.80
C SER D 137 39.24 -4.34 9.33
N GLY D 138 39.17 -3.84 10.55
CA GLY D 138 40.32 -3.18 11.14
C GLY D 138 41.47 -4.17 11.33
N LEU D 139 41.15 -5.38 11.80
CA LEU D 139 42.24 -6.36 11.99
C LEU D 139 42.81 -6.75 10.64
N LYS D 140 41.93 -6.94 9.65
CA LYS D 140 42.39 -7.30 8.30
C LYS D 140 43.38 -6.27 7.78
N ASN D 141 43.05 -5.00 7.97
CA ASN D 141 43.90 -3.91 7.45
C ASN D 141 45.20 -3.83 8.23
N ALA D 142 45.13 -4.05 9.54
CA ALA D 142 46.37 -4.00 10.29
C ALA D 142 47.30 -5.13 9.92
N ILE D 143 46.77 -6.35 9.80
CA ILE D 143 47.57 -7.47 9.42
C ILE D 143 48.23 -7.27 8.05
N GLY D 144 47.49 -6.74 7.09
CA GLY D 144 48.07 -6.54 5.76
C GLY D 144 49.19 -5.52 5.81
N GLU D 145 48.97 -4.45 6.56
CA GLU D 145 49.97 -3.39 6.66
C GLU D 145 51.21 -3.94 7.33
N ILE D 146 51.03 -4.78 8.34
CA ILE D 146 52.22 -5.34 8.96
C ILE D 146 52.97 -6.31 8.04
N ALA D 147 52.24 -7.18 7.32
CA ALA D 147 52.87 -8.18 6.47
C ALA D 147 53.70 -7.58 5.35
N GLU D 148 53.46 -6.32 5.01
CA GLU D 148 54.25 -5.75 3.95
C GLU D 148 55.65 -5.44 4.41
N VAL D 149 55.79 -5.04 5.68
CA VAL D 149 57.04 -4.59 6.26
C VAL D 149 57.71 -5.48 7.30
N ALA D 150 57.06 -6.57 7.67
CA ALA D 150 57.70 -7.40 8.68
C ALA D 150 57.26 -8.82 8.50
N ASP D 151 57.98 -9.74 9.12
CA ASP D 151 57.58 -11.12 9.00
C ASP D 151 56.89 -11.65 10.28
N THR D 152 56.94 -10.80 11.31
CA THR D 152 56.39 -11.19 12.60
C THR D 152 55.45 -10.11 13.11
N LEU D 153 54.27 -10.55 13.57
CA LEU D 153 53.29 -9.64 14.13
C LEU D 153 53.47 -9.75 15.66
N LEU D 154 53.66 -8.62 16.33
CA LEU D 154 53.76 -8.59 17.79
C LEU D 154 52.41 -8.03 18.27
N ILE D 155 51.84 -8.65 19.28
CA ILE D 155 50.57 -8.15 19.75
C ILE D 155 50.68 -8.06 21.27
N SER D 156 50.10 -6.99 21.83
CA SER D 156 50.13 -6.84 23.28
C SER D 156 48.77 -6.32 23.73
N GLY D 157 48.44 -6.57 24.98
CA GLY D 157 47.16 -6.07 25.38
C GLY D 157 47.15 -5.87 26.88
N ASN D 158 46.37 -4.87 27.32
CA ASN D 158 46.23 -4.69 28.76
C ASN D 158 44.73 -4.49 28.97
N GLU D 159 44.34 -3.85 30.08
CA GLU D 159 42.90 -3.75 30.31
C GLU D 159 42.20 -2.73 29.43
N GLU D 160 42.95 -1.88 28.74
CA GLU D 160 42.32 -0.85 27.91
C GLU D 160 42.57 -0.92 26.40
N LYS D 161 43.61 -1.60 25.99
CA LYS D 161 43.86 -1.63 24.56
C LYS D 161 44.61 -2.88 24.13
N VAL D 162 44.60 -3.09 22.82
CA VAL D 162 45.39 -4.17 22.19
C VAL D 162 46.16 -3.46 21.08
N VAL D 163 47.44 -3.73 21.00
CA VAL D 163 48.28 -3.06 20.03
C VAL D 163 48.97 -4.11 19.18
N VAL D 164 48.93 -3.93 17.86
CA VAL D 164 49.66 -4.83 17.00
C VAL D 164 50.69 -4.02 16.22
N LYS D 165 51.82 -4.62 15.99
CA LYS D 165 52.86 -3.96 15.24
C LYS D 165 53.77 -5.04 14.65
N GLY D 166 54.68 -4.65 13.76
CA GLY D 166 55.56 -5.64 13.16
C GLY D 166 56.85 -5.60 13.93
N GLU D 167 57.51 -6.73 14.06
CA GLU D 167 58.78 -6.74 14.77
C GLU D 167 59.81 -6.11 13.87
N GLY D 168 60.74 -5.36 14.46
CA GLY D 168 61.78 -4.77 13.59
C GLY D 168 61.72 -3.25 13.50
N GLU D 169 62.40 -2.64 12.55
CA GLU D 169 62.37 -1.17 12.49
C GLU D 169 61.33 -0.65 11.51
N ASN D 170 60.24 -0.11 12.06
CA ASN D 170 59.17 0.39 11.21
C ASN D 170 58.26 1.23 12.06
N LYS D 171 57.27 1.85 11.42
CA LYS D 171 56.35 2.68 12.16
C LYS D 171 54.92 2.17 12.13
N VAL D 172 54.71 0.96 11.59
CA VAL D 172 53.38 0.42 11.50
C VAL D 172 52.94 -0.15 12.84
N GLU D 173 52.07 0.58 13.52
CA GLU D 173 51.51 0.18 14.80
C GLU D 173 50.03 0.53 14.74
N VAL D 174 49.18 -0.34 15.25
CA VAL D 174 47.76 -0.08 15.24
C VAL D 174 47.22 -0.40 16.63
N GLU D 175 46.50 0.56 17.20
CA GLU D 175 45.95 0.36 18.52
C GLU D 175 44.45 0.16 18.42
N PHE D 176 43.97 -0.89 19.07
CA PHE D 176 42.58 -1.13 19.07
C PHE D 176 42.16 -0.76 20.51
N SER D 177 41.42 0.34 20.63
CA SER D 177 40.95 0.77 21.94
C SER D 177 39.67 1.57 21.76
N LYS D 178 38.96 1.83 22.85
CA LYS D 178 37.75 2.63 22.70
C LYS D 178 38.19 4.01 22.19
N ASP D 179 39.29 4.53 22.73
CA ASP D 179 39.75 5.81 22.24
C ASP D 179 39.95 5.82 20.72
N THR D 180 40.37 4.69 20.14
CA THR D 180 40.56 4.64 18.68
C THR D 180 39.28 4.18 17.94
N GLY D 181 38.26 3.77 18.71
CA GLY D 181 36.99 3.35 18.14
C GLY D 181 36.91 2.01 17.41
N SER D 182 37.91 1.13 17.60
CA SER D 182 37.89 -0.17 16.92
C SER D 182 37.83 -1.36 17.90
N LEU D 183 37.71 -1.06 19.19
CA LEU D 183 37.61 -2.07 20.26
C LEU D 183 36.23 -1.99 20.86
N ALA D 184 35.46 -3.05 20.74
CA ALA D 184 34.11 -3.09 21.31
C ALA D 184 34.11 -3.63 22.72
N ASP D 185 35.09 -4.49 23.03
CA ASP D 185 35.12 -5.07 24.32
C ASP D 185 36.44 -5.76 24.61
N ILE D 186 36.76 -5.87 25.90
CA ILE D 186 37.98 -6.54 26.28
C ILE D 186 37.79 -7.29 27.57
N GLU D 187 38.23 -8.55 27.58
CA GLU D 187 38.19 -9.35 28.80
C GLU D 187 39.64 -9.41 29.21
N PHE D 188 39.93 -8.78 30.35
CA PHE D 188 41.29 -8.75 30.85
C PHE D 188 41.54 -9.74 31.98
N ASN D 189 42.58 -10.58 31.82
CA ASN D 189 43.03 -11.51 32.87
C ASN D 189 44.44 -11.10 33.34
N LYS D 190 45.38 -10.91 32.39
CA LYS D 190 46.78 -10.48 32.73
C LYS D 190 47.31 -9.73 31.49
N GLU D 191 48.20 -8.78 31.72
CA GLU D 191 48.82 -8.03 30.62
C GLU D 191 49.66 -9.08 29.87
N SER D 192 49.68 -8.97 28.54
CA SER D 192 50.35 -10.04 27.81
C SER D 192 50.94 -9.49 26.50
N SER D 193 52.00 -10.12 26.04
CA SER D 193 52.54 -9.71 24.75
C SER D 193 53.03 -11.00 24.09
N SER D 194 52.70 -11.20 22.81
CA SER D 194 53.11 -12.41 22.14
C SER D 194 53.55 -12.13 20.70
N ALA D 195 54.02 -13.16 20.01
CA ALA D 195 54.54 -12.96 18.62
C ALA D 195 54.10 -14.11 17.75
N TYR D 196 53.77 -13.79 16.48
CA TYR D 196 53.27 -14.79 15.57
C TYR D 196 53.75 -14.49 14.17
N ASP D 197 53.81 -15.55 13.36
CA ASP D 197 54.20 -15.40 11.93
C ASP D 197 53.08 -14.71 11.15
N VAL D 198 53.32 -13.49 10.66
CA VAL D 198 52.28 -12.70 10.03
C VAL D 198 51.87 -13.24 8.67
N GLU D 199 52.73 -14.09 8.10
CA GLU D 199 52.44 -14.69 6.76
C GLU D 199 51.24 -15.63 6.94
N TYR D 200 51.25 -16.37 8.04
CA TYR D 200 50.14 -17.26 8.33
C TYR D 200 48.83 -16.47 8.54
N LEU D 201 48.91 -15.39 9.31
CA LEU D 201 47.70 -14.60 9.56
C LEU D 201 47.20 -13.96 8.30
N ASN D 202 48.10 -13.45 7.46
CA ASN D 202 47.67 -12.85 6.22
C ASN D 202 47.05 -13.95 5.33
N ASP D 203 47.50 -15.21 5.44
CA ASP D 203 46.94 -16.31 4.63
C ASP D 203 45.43 -16.53 4.90
N ILE D 204 44.97 -16.30 6.14
CA ILE D 204 43.58 -16.55 6.49
C ILE D 204 42.71 -15.33 6.62
N ILE D 205 43.19 -14.19 6.12
CA ILE D 205 42.45 -12.95 6.31
C ILE D 205 41.07 -12.90 5.66
N SER D 206 40.75 -13.84 4.74
CA SER D 206 39.42 -13.84 4.19
C SER D 206 38.38 -14.17 5.25
N LEU D 207 38.80 -14.82 6.33
CA LEU D 207 37.86 -15.18 7.37
C LEU D 207 37.28 -13.87 7.98
N THR D 208 38.00 -12.76 7.86
CA THR D 208 37.46 -11.53 8.46
C THR D 208 36.19 -11.09 7.72
N LYS D 209 35.93 -11.67 6.54
CA LYS D 209 34.68 -11.31 5.85
C LYS D 209 33.47 -11.94 6.49
N LEU D 210 33.66 -12.87 7.42
CA LEU D 210 32.51 -13.57 7.99
C LEU D 210 31.67 -12.85 9.09
N SER D 211 32.31 -11.91 9.75
CA SER D 211 31.63 -11.20 10.83
C SER D 211 32.14 -9.79 10.90
N ASP D 212 31.34 -8.90 11.48
CA ASP D 212 31.82 -7.55 11.55
C ASP D 212 32.88 -7.40 12.65
N TYR D 213 32.80 -8.22 13.69
CA TYR D 213 33.85 -8.19 14.72
C TYR D 213 34.53 -9.57 14.84
N VAL D 214 35.73 -9.58 15.36
CA VAL D 214 36.47 -10.83 15.60
C VAL D 214 36.90 -10.84 17.09
N LYS D 215 36.79 -11.99 17.74
CA LYS D 215 37.32 -12.07 19.10
C LYS D 215 38.75 -12.60 18.97
N VAL D 216 39.72 -11.83 19.43
CA VAL D 216 41.15 -12.19 19.35
C VAL D 216 41.59 -12.53 20.77
N ALA D 217 42.06 -13.74 20.98
CA ALA D 217 42.53 -14.07 22.34
C ALA D 217 43.94 -14.62 22.25
N PHE D 218 44.73 -14.31 23.28
CA PHE D 218 46.09 -14.79 23.32
C PHE D 218 46.59 -14.72 24.76
N ALA D 219 47.81 -15.22 24.96
CA ALA D 219 48.47 -15.17 26.26
C ALA D 219 49.94 -15.26 25.94
N ASP D 220 50.79 -14.93 26.91
CA ASP D 220 52.21 -14.96 26.62
C ASP D 220 52.71 -16.31 26.11
N GLN D 221 53.39 -16.30 24.96
CA GLN D 221 53.96 -17.54 24.38
C GLN D 221 52.96 -18.68 24.25
N LYS D 222 51.70 -18.33 23.96
CA LYS D 222 50.62 -19.27 23.77
C LYS D 222 49.98 -18.98 22.35
N PRO D 223 49.25 -19.94 21.82
CA PRO D 223 48.60 -19.75 20.50
C PRO D 223 47.66 -18.56 20.49
N MET D 224 47.54 -17.89 19.33
CA MET D 224 46.57 -16.79 19.16
C MET D 224 45.30 -17.50 18.72
N GLN D 225 44.15 -17.07 19.22
CA GLN D 225 42.90 -17.68 18.75
C GLN D 225 42.04 -16.54 18.12
N LEU D 226 41.51 -16.76 16.92
CA LEU D 226 40.62 -15.79 16.27
C LEU D 226 39.29 -16.48 16.15
N GLU D 227 38.23 -15.84 16.66
CA GLU D 227 36.86 -16.43 16.59
C GLU D 227 35.98 -15.48 15.82
N PHE D 228 35.29 -16.02 14.83
CA PHE D 228 34.39 -15.25 13.95
C PHE D 228 33.01 -15.81 14.21
N ASN D 229 32.15 -15.06 14.88
CA ASN D 229 30.79 -15.53 15.17
C ASN D 229 29.86 -15.01 14.10
N MET D 230 29.11 -15.92 13.48
CA MET D 230 28.21 -15.55 12.40
C MET D 230 26.72 -15.61 12.87
N GLU D 231 25.81 -14.95 12.18
CA GLU D 231 24.38 -15.04 12.60
C GLU D 231 23.96 -16.51 12.52
N GLY D 232 23.02 -16.95 13.36
CA GLY D 232 22.55 -18.34 13.36
C GLY D 232 23.34 -19.26 14.30
N GLY D 233 24.40 -18.72 14.90
CA GLY D 233 25.20 -19.57 15.78
C GLY D 233 26.44 -20.10 15.07
N GLY D 234 26.63 -19.73 13.79
CA GLY D 234 27.81 -20.15 13.03
C GLY D 234 29.11 -19.69 13.74
N LYS D 235 30.16 -20.52 13.73
CA LYS D 235 31.36 -20.09 14.43
C LYS D 235 32.59 -20.62 13.69
N VAL D 236 33.54 -19.75 13.34
CA VAL D 236 34.76 -20.25 12.72
C VAL D 236 35.91 -19.83 13.66
N THR D 237 36.82 -20.76 13.99
CA THR D 237 37.95 -20.43 14.88
C THR D 237 39.28 -20.78 14.18
N TYR D 238 40.24 -19.85 14.31
CA TYR D 238 41.58 -20.05 13.74
C TYR D 238 42.53 -20.04 14.92
N LEU D 239 43.45 -21.03 14.96
CA LEU D 239 44.45 -21.07 16.05
C LEU D 239 45.84 -21.06 15.38
N LEU D 240 46.76 -20.31 15.97
CA LEU D 240 48.14 -20.21 15.42
C LEU D 240 49.14 -20.29 16.54
N ALA D 241 50.06 -21.27 16.42
CA ALA D 241 51.10 -21.45 17.45
C ALA D 241 52.01 -20.21 17.48
N PRO D 242 52.59 -19.94 18.67
CA PRO D 242 53.44 -18.76 18.80
C PRO D 242 54.92 -18.92 18.50
N LYS D 243 55.56 -17.79 18.22
CA LYS D 243 57.04 -17.76 18.20
C LYS D 243 57.41 -17.31 19.63
N LEU D 244 58.70 -17.37 19.93
CA LEU D 244 59.16 -16.93 21.25
C LEU D 244 59.06 -15.42 21.40
N SER D 245 59.41 -14.70 20.36
CA SER D 245 59.37 -13.21 20.39
C SER D 245 59.61 -12.63 19.02
ZN ZN E . -25.95 -17.68 -39.61
ZN ZN F . -28.61 -15.27 -39.49
ZN ZN G . 13.39 -0.04 -12.78
ZN ZN H . 11.99 -25.92 -0.32
ZN ZN I . 15.64 -19.70 -1.81
ZN ZN J . -30.78 -18.47 -30.83
ZN ZN K . -1.93 3.49 -21.21
ZN ZN L . 5.57 3.97 -17.03
ZN ZN M . -17.04 19.15 6.59
ZN ZN N . -17.72 12.62 11.77
ZN ZN O . -29.69 23.49 -5.55
ZN ZN P . -58.77 8.22 -3.68
ZN ZN Q . -14.66 9.60 7.23
ZN ZN R . 30.32 20.71 27.83
ZN ZN S . 15.16 34.65 19.31
ZN ZN T . 12.61 20.48 29.48
ZN ZN U . 1.80 4.70 10.28
ZN ZN V . 15.03 -25.86 -1.48
ZN ZN W . 60.60 -12.54 16.54
ZN ZN X . 34.51 -2.82 10.15
ZN ZN Y . 24.65 -13.69 6.56
ZN ZN Z . 38.90 -13.35 33.60
ZN ZN AA . 51.19 -19.65 3.53
#